data_7B0Z
#
_entry.id   7B0Z
#
_cell.length_a   131.383
_cell.length_b   221.961
_cell.length_c   86.109
_cell.angle_alpha   90.000
_cell.angle_beta   90.000
_cell.angle_gamma   90.000
#
_symmetry.space_group_name_H-M   'C 2 2 2'
#
loop_
_entity.id
_entity.type
_entity.pdbx_description
1 polymer 'Amine oxidase [flavin-containing] B'
2 non-polymer 'FLAVIN-ADENINE DINUCLEOTIDE'
3 non-polymer (E)-3-phenyl-1-(4-(trifluoromethyl)phenyl)prop-2-en-1-one
4 non-polymer N-DODECYL-N,N-DIMETHYL-3-AMMONIO-1-PROPANESULFONATE
5 non-polymer GLYCEROL
6 water water
#
_entity_poly.entity_id   1
_entity_poly.type   'polypeptide(L)'
_entity_poly.pdbx_seq_one_letter_code
;MSNKCDVVVVGGGISGMAAAKLLHDSGLNVVVLEARDRVGGRTYTLRNQKVKYVDLGGSYVGPTQNRILRLAKELGLETY
KVNEVERLIHHVKGKSYPFRGPFPPVWNPITYLDHNNFWRTMDDMGREIPSDAPWKAPLAEEWDNMTMKELLDKLCWTES
AKQLATLFVNLCVTAETHEVSALWFLWYVKQCGGTTRIISTTNGGQERKFVGGSGQVSERIMDLLGDRVKLERPVIYIDQ
TRENVLVETLNHEMYEAKYVISAIPPTLGMKIHFNPPLPMMRNQMITRVPLGSVIKCIVYYKEPFWRKKDYCGTMIIDGE
EAPVAYTLDDTKPEGNYAAIMGFILAHKARKLARLTKEERLKKLCELYAKVLGSLEALEPVHYEEKNWCEEQYSGGCYTT
YFPPGILTQYGRVLRQPVDRIYFAGTETATHWSGYMEGAVEAGERAAREILHAMGKIPEDEIWQSEPESVDVPAQPITTT
FLERHLPSVPGLLRLIGLTTIFSATALGFLAHKRGLLVRV
;
_entity_poly.pdbx_strand_id   A,B
#
loop_
_chem_comp.id
_chem_comp.type
_chem_comp.name
_chem_comp.formula
C15 non-polymer N-DODECYL-N,N-DIMETHYL-3-AMMONIO-1-PROPANESULFONATE 'C17 H38 N O3 S 1'
FAD non-polymer 'FLAVIN-ADENINE DINUCLEOTIDE' 'C27 H33 N9 O15 P2'
GOL non-polymer GLYCEROL 'C3 H8 O3'
SK5 non-polymer (E)-3-phenyl-1-(4-(trifluoromethyl)phenyl)prop-2-en-1-one 'C16 H11 F3 O'
#
# COMPACT_ATOMS: atom_id res chain seq x y z
N SER A 2 -2.85 26.29 -25.51
CA SER A 2 -3.57 25.29 -24.68
C SER A 2 -4.92 24.95 -25.32
N ASN A 3 -5.25 23.66 -25.37
CA ASN A 3 -6.54 23.14 -25.89
C ASN A 3 -7.58 23.41 -24.80
N LYS A 4 -8.63 24.20 -25.08
CA LYS A 4 -9.63 24.63 -24.08
C LYS A 4 -10.87 23.74 -24.18
N CYS A 5 -11.44 23.32 -23.04
CA CYS A 5 -12.74 22.60 -22.99
C CYS A 5 -13.40 22.85 -21.63
N ASP A 6 -14.60 22.32 -21.43
CA ASP A 6 -15.32 22.34 -20.14
C ASP A 6 -14.70 21.35 -19.14
N VAL A 7 -14.43 20.13 -19.57
CA VAL A 7 -14.00 19.04 -18.66
C VAL A 7 -12.94 18.19 -19.36
N VAL A 8 -11.79 18.06 -18.70
CA VAL A 8 -10.80 17.01 -19.03
C VAL A 8 -11.14 15.78 -18.18
N VAL A 9 -11.22 14.63 -18.85
CA VAL A 9 -11.36 13.28 -18.22
C VAL A 9 -10.01 12.59 -18.37
N VAL A 10 -9.41 12.22 -17.24
CA VAL A 10 -8.11 11.51 -17.21
C VAL A 10 -8.42 10.00 -17.14
N GLY A 11 -8.11 9.28 -18.23
CA GLY A 11 -8.44 7.85 -18.34
C GLY A 11 -9.63 7.59 -19.25
N GLY A 12 -9.41 6.77 -20.26
CA GLY A 12 -10.41 6.27 -21.24
C GLY A 12 -10.76 4.81 -21.02
N GLY A 13 -10.85 4.41 -19.74
CA GLY A 13 -11.54 3.19 -19.32
C GLY A 13 -13.05 3.36 -19.43
N ILE A 14 -13.80 2.33 -19.04
CA ILE A 14 -15.29 2.39 -19.03
C ILE A 14 -15.74 3.59 -18.18
N SER A 15 -15.11 3.82 -17.04
CA SER A 15 -15.52 4.92 -16.14
C SER A 15 -15.32 6.29 -16.82
N GLY A 16 -14.12 6.57 -17.31
CA GLY A 16 -13.83 7.82 -18.01
C GLY A 16 -14.73 7.98 -19.21
N MET A 17 -14.94 6.90 -19.97
CA MET A 17 -15.71 7.00 -21.22
C MET A 17 -17.19 7.24 -20.86
N ALA A 18 -17.74 6.62 -19.81
CA ALA A 18 -19.15 6.80 -19.39
C ALA A 18 -19.35 8.25 -18.94
N ALA A 19 -18.38 8.79 -18.22
CA ALA A 19 -18.38 10.19 -17.74
C ALA A 19 -18.40 11.12 -18.96
N ALA A 20 -17.44 10.92 -19.87
CA ALA A 20 -17.25 11.77 -21.06
C ALA A 20 -18.55 11.78 -21.87
N LYS A 21 -19.19 10.64 -22.04
CA LYS A 21 -20.41 10.52 -22.86
C LYS A 21 -21.57 11.29 -22.20
N LEU A 22 -21.75 11.13 -20.91
CA LEU A 22 -22.82 11.85 -20.17
C LEU A 22 -22.58 13.37 -20.35
N LEU A 23 -21.35 13.85 -20.18
CA LEU A 23 -21.05 15.31 -20.28
C LEU A 23 -21.28 15.82 -21.72
N HIS A 24 -20.76 15.07 -22.71
CA HIS A 24 -20.95 15.30 -24.15
C HIS A 24 -22.44 15.34 -24.49
N ASP A 25 -23.22 14.39 -23.96
CA ASP A 25 -24.66 14.30 -24.24
C ASP A 25 -25.39 15.49 -23.62
N SER A 26 -24.87 16.03 -22.53
CA SER A 26 -25.47 17.20 -21.83
CA SER A 26 -25.42 17.20 -21.80
C SER A 26 -25.02 18.50 -22.52
N GLY A 27 -24.26 18.39 -23.61
CA GLY A 27 -23.85 19.56 -24.39
C GLY A 27 -22.57 20.20 -23.89
N LEU A 28 -21.74 19.53 -23.10
CA LEU A 28 -20.42 20.12 -22.70
C LEU A 28 -19.35 19.64 -23.67
N ASN A 29 -18.26 20.40 -23.71
CA ASN A 29 -17.03 20.11 -24.48
C ASN A 29 -16.08 19.32 -23.60
N VAL A 30 -15.87 18.06 -23.95
CA VAL A 30 -15.01 17.15 -23.15
C VAL A 30 -13.82 16.74 -24.00
N VAL A 31 -12.71 16.54 -23.31
CA VAL A 31 -11.51 15.83 -23.83
C VAL A 31 -11.25 14.65 -22.89
N VAL A 32 -10.93 13.49 -23.48
CA VAL A 32 -10.46 12.30 -22.71
C VAL A 32 -8.97 12.13 -22.98
N LEU A 33 -8.14 12.24 -21.94
CA LEU A 33 -6.69 12.00 -22.06
C LEU A 33 -6.38 10.57 -21.58
N GLU A 34 -5.96 9.73 -22.51
CA GLU A 34 -5.71 8.28 -22.27
C GLU A 34 -4.23 8.00 -22.46
N ALA A 35 -3.61 7.35 -21.49
CA ALA A 35 -2.17 7.02 -21.46
C ALA A 35 -1.80 6.07 -22.61
N ARG A 36 -2.59 5.03 -22.84
CA ARG A 36 -2.28 3.95 -23.82
C ARG A 36 -2.64 4.35 -25.26
N ASP A 37 -2.22 3.52 -26.20
CA ASP A 37 -2.64 3.63 -27.62
C ASP A 37 -4.04 3.05 -27.82
N ARG A 38 -4.83 2.85 -26.78
CA ARG A 38 -6.18 2.24 -26.89
C ARG A 38 -7.01 2.69 -25.70
N VAL A 39 -8.32 2.52 -25.82
CA VAL A 39 -9.29 2.75 -24.73
C VAL A 39 -9.63 1.39 -24.12
N GLY A 40 -10.36 1.38 -23.01
CA GLY A 40 -10.82 0.15 -22.37
C GLY A 40 -10.16 -0.12 -21.03
N GLY A 41 -8.87 0.23 -20.86
CA GLY A 41 -8.12 0.09 -19.60
C GLY A 41 -8.03 -1.35 -19.13
N ARG A 42 -8.72 -1.68 -18.04
CA ARG A 42 -8.68 -3.05 -17.46
C ARG A 42 -9.63 -3.98 -18.24
N THR A 43 -10.33 -3.46 -19.24
CA THR A 43 -10.98 -4.28 -20.28
C THR A 43 -10.09 -4.21 -21.52
N TYR A 44 -9.92 -5.35 -22.19
CA TYR A 44 -9.09 -5.45 -23.41
C TYR A 44 -9.54 -6.68 -24.17
N THR A 45 -10.10 -6.46 -25.34
CA THR A 45 -10.59 -7.52 -26.24
C THR A 45 -9.52 -7.72 -27.32
N LEU A 46 -8.81 -8.84 -27.24
CA LEU A 46 -7.88 -9.27 -28.33
C LEU A 46 -8.68 -9.84 -29.51
N ARG A 47 -8.34 -9.41 -30.73
CA ARG A 47 -8.89 -9.99 -31.99
C ARG A 47 -7.76 -10.58 -32.84
N ASN A 48 -7.90 -11.85 -33.22
CA ASN A 48 -7.03 -12.52 -34.22
C ASN A 48 -7.84 -13.66 -34.80
N GLN A 49 -7.29 -14.34 -35.82
CA GLN A 49 -8.02 -15.38 -36.58
C GLN A 49 -8.19 -16.62 -35.72
N LYS A 50 -7.27 -16.87 -34.78
CA LYS A 50 -7.32 -18.10 -33.93
C LYS A 50 -8.43 -18.02 -32.88
N VAL A 51 -8.82 -16.83 -32.38
CA VAL A 51 -9.74 -16.73 -31.21
C VAL A 51 -11.03 -16.04 -31.64
N LYS A 52 -10.96 -15.39 -32.79
CA LYS A 52 -11.92 -14.38 -33.28
C LYS A 52 -11.88 -13.15 -32.39
N TYR A 53 -12.35 -13.28 -31.16
CA TYR A 53 -12.23 -12.22 -30.13
C TYR A 53 -12.08 -12.90 -28.78
N VAL A 54 -11.34 -12.29 -27.85
CA VAL A 54 -11.28 -12.81 -26.46
C VAL A 54 -11.05 -11.66 -25.48
N ASP A 55 -11.84 -11.64 -24.41
CA ASP A 55 -11.63 -10.70 -23.30
C ASP A 55 -10.41 -11.17 -22.47
N LEU A 56 -9.29 -10.43 -22.49
CA LEU A 56 -8.10 -10.67 -21.62
C LEU A 56 -8.23 -9.92 -20.30
N GLY A 57 -9.12 -8.91 -20.21
CA GLY A 57 -9.46 -8.23 -18.95
C GLY A 57 -10.88 -8.53 -18.54
N GLY A 58 -11.56 -7.55 -17.91
CA GLY A 58 -12.98 -7.63 -17.50
C GLY A 58 -13.86 -8.15 -18.62
N SER A 59 -14.76 -9.07 -18.27
CA SER A 59 -15.59 -9.84 -19.23
C SER A 59 -17.03 -10.02 -18.74
N TYR A 60 -17.24 -10.46 -17.50
CA TYR A 60 -18.56 -10.93 -17.02
C TYR A 60 -19.45 -9.77 -16.58
N VAL A 61 -20.70 -9.84 -17.01
CA VAL A 61 -21.80 -9.02 -16.46
C VAL A 61 -22.89 -9.98 -16.00
N GLY A 62 -23.75 -9.50 -15.11
CA GLY A 62 -24.89 -10.30 -14.63
C GLY A 62 -26.02 -9.47 -14.09
N PRO A 63 -27.10 -10.14 -13.64
CA PRO A 63 -28.21 -9.50 -12.95
C PRO A 63 -27.79 -8.55 -11.82
N THR A 64 -28.49 -7.42 -11.73
CA THR A 64 -28.37 -6.27 -10.81
C THR A 64 -27.30 -5.30 -11.32
N GLN A 65 -26.57 -5.65 -12.38
CA GLN A 65 -25.57 -4.72 -13.00
C GLN A 65 -26.27 -3.92 -14.10
N ASN A 66 -27.26 -3.10 -13.74
CA ASN A 66 -28.20 -2.52 -14.71
C ASN A 66 -27.53 -1.38 -15.51
N ARG A 67 -26.56 -0.67 -14.94
CA ARG A 67 -25.93 0.49 -15.60
C ARG A 67 -25.06 0.03 -16.77
N ILE A 68 -24.14 -0.92 -16.56
CA ILE A 68 -23.31 -1.45 -17.70
C ILE A 68 -24.24 -2.11 -18.72
N LEU A 69 -25.30 -2.81 -18.31
CA LEU A 69 -26.24 -3.41 -19.30
C LEU A 69 -26.93 -2.32 -20.15
N ARG A 70 -27.42 -1.26 -19.51
CA ARG A 70 -28.12 -0.14 -20.20
C ARG A 70 -27.12 0.52 -21.16
N LEU A 71 -25.91 0.83 -20.67
CA LEU A 71 -24.91 1.55 -21.47
C LEU A 71 -24.58 0.71 -22.69
N ALA A 72 -24.32 -0.58 -22.46
CA ALA A 72 -23.88 -1.49 -23.54
C ALA A 72 -25.04 -1.66 -24.56
N LYS A 73 -26.27 -1.84 -24.10
CA LYS A 73 -27.43 -1.99 -25.01
C LYS A 73 -27.60 -0.71 -25.85
N GLU A 74 -27.48 0.46 -25.26
CA GLU A 74 -27.56 1.74 -26.02
C GLU A 74 -26.49 1.80 -27.13
N LEU A 75 -25.30 1.25 -26.89
CA LEU A 75 -24.22 1.22 -27.90
C LEU A 75 -24.41 0.08 -28.89
N GLY A 76 -25.52 -0.66 -28.83
CA GLY A 76 -25.85 -1.73 -29.78
C GLY A 76 -25.17 -3.05 -29.47
N LEU A 77 -24.74 -3.30 -28.24
CA LEU A 77 -24.12 -4.60 -27.84
C LEU A 77 -25.17 -5.56 -27.32
N GLU A 78 -24.86 -6.85 -27.43
CA GLU A 78 -25.68 -8.00 -26.96
C GLU A 78 -24.85 -8.83 -25.97
N THR A 79 -25.54 -9.54 -25.06
CA THR A 79 -24.93 -10.50 -24.11
C THR A 79 -25.29 -11.92 -24.54
N TYR A 80 -24.48 -12.87 -24.10
CA TYR A 80 -24.85 -14.31 -24.11
C TYR A 80 -24.48 -14.87 -22.74
N LYS A 81 -25.09 -16.00 -22.41
CA LYS A 81 -24.92 -16.72 -21.13
C LYS A 81 -23.68 -17.60 -21.20
N VAL A 82 -22.81 -17.46 -20.21
CA VAL A 82 -21.70 -18.39 -19.91
C VAL A 82 -22.31 -19.80 -19.73
N ASN A 83 -21.67 -20.81 -20.28
CA ASN A 83 -22.19 -22.20 -20.20
C ASN A 83 -22.20 -22.69 -18.74
N GLU A 84 -23.40 -22.96 -18.21
CA GLU A 84 -23.57 -23.63 -16.91
C GLU A 84 -24.64 -24.70 -17.04
N VAL A 85 -24.78 -25.30 -18.23
CA VAL A 85 -25.78 -26.36 -18.50
C VAL A 85 -25.37 -27.60 -17.69
N GLU A 86 -24.13 -28.05 -17.77
CA GLU A 86 -23.74 -29.33 -17.15
C GLU A 86 -23.18 -29.09 -15.74
N ARG A 87 -22.49 -30.07 -15.17
CA ARG A 87 -22.10 -30.06 -13.73
C ARG A 87 -20.86 -29.18 -13.53
N LEU A 88 -20.85 -28.47 -12.40
CA LEU A 88 -19.67 -27.76 -11.88
C LEU A 88 -18.76 -28.82 -11.26
N ILE A 89 -17.48 -28.54 -11.09
CA ILE A 89 -16.54 -29.47 -10.39
C ILE A 89 -15.92 -28.73 -9.21
N HIS A 90 -15.96 -29.35 -8.04
CA HIS A 90 -15.13 -28.93 -6.89
C HIS A 90 -14.02 -29.97 -6.72
N HIS A 91 -12.78 -29.56 -6.93
CA HIS A 91 -11.57 -30.41 -6.86
C HIS A 91 -10.90 -30.12 -5.52
N VAL A 92 -10.89 -31.10 -4.61
CA VAL A 92 -10.30 -30.97 -3.25
C VAL A 92 -9.48 -32.23 -2.96
N LYS A 93 -8.27 -32.01 -2.47
CA LYS A 93 -7.32 -33.10 -2.09
C LYS A 93 -7.16 -34.11 -3.25
N GLY A 94 -6.97 -33.65 -4.47
CA GLY A 94 -6.59 -34.50 -5.60
C GLY A 94 -7.78 -35.17 -6.28
N LYS A 95 -9.01 -34.93 -5.85
CA LYS A 95 -10.22 -35.61 -6.41
C LYS A 95 -11.30 -34.60 -6.83
N SER A 96 -12.00 -34.87 -7.90
CA SER A 96 -13.04 -33.99 -8.48
C SER A 96 -14.44 -34.45 -8.02
N TYR A 97 -15.25 -33.52 -7.48
CA TYR A 97 -16.64 -33.80 -6.99
C TYR A 97 -17.61 -32.94 -7.80
N PRO A 98 -18.31 -33.53 -8.78
CA PRO A 98 -19.25 -32.80 -9.63
C PRO A 98 -20.48 -32.39 -8.81
N PHE A 99 -21.06 -31.23 -9.10
CA PHE A 99 -22.19 -30.70 -8.31
C PHE A 99 -23.01 -29.72 -9.17
N ARG A 100 -24.18 -29.35 -8.65
CA ARG A 100 -25.12 -28.39 -9.25
C ARG A 100 -25.47 -27.36 -8.18
N GLY A 101 -25.82 -26.14 -8.58
CA GLY A 101 -26.15 -25.05 -7.64
C GLY A 101 -24.90 -24.23 -7.40
N PRO A 102 -25.02 -23.00 -6.87
CA PRO A 102 -23.88 -22.08 -6.81
C PRO A 102 -22.77 -22.48 -5.83
N PHE A 103 -23.14 -23.06 -4.69
CA PHE A 103 -22.19 -23.41 -3.60
C PHE A 103 -21.71 -24.86 -3.74
N PRO A 104 -20.38 -25.09 -3.68
CA PRO A 104 -19.85 -26.45 -3.57
C PRO A 104 -20.41 -27.12 -2.28
N PRO A 105 -21.20 -28.20 -2.42
CA PRO A 105 -21.78 -28.87 -1.25
C PRO A 105 -20.81 -29.71 -0.41
N VAL A 106 -21.23 -30.03 0.83
CA VAL A 106 -20.48 -30.96 1.72
C VAL A 106 -21.50 -31.86 2.41
N TRP A 107 -21.07 -33.05 2.78
CA TRP A 107 -21.96 -34.09 3.37
C TRP A 107 -21.73 -34.23 4.88
N ASN A 108 -20.49 -34.14 5.34
CA ASN A 108 -20.18 -34.24 6.79
C ASN A 108 -21.05 -33.22 7.53
N PRO A 109 -21.99 -33.66 8.39
CA PRO A 109 -22.87 -32.74 9.11
C PRO A 109 -22.16 -31.57 9.81
N ILE A 110 -21.04 -31.82 10.48
CA ILE A 110 -20.25 -30.79 11.22
C ILE A 110 -19.71 -29.81 10.18
N THR A 111 -19.09 -30.32 9.11
CA THR A 111 -18.59 -29.50 7.97
C THR A 111 -19.75 -28.72 7.33
N TYR A 112 -20.94 -29.30 7.26
CA TYR A 112 -22.13 -28.63 6.65
C TYR A 112 -22.47 -27.40 7.52
N LEU A 113 -22.54 -27.57 8.86
CA LEU A 113 -22.83 -26.43 9.79
C LEU A 113 -21.77 -25.33 9.60
N ASP A 114 -20.51 -25.69 9.47
CA ASP A 114 -19.41 -24.71 9.41
C ASP A 114 -19.49 -23.91 8.09
N HIS A 115 -19.74 -24.58 6.98
CA HIS A 115 -19.85 -23.98 5.63
C HIS A 115 -21.07 -23.05 5.60
N ASN A 116 -22.21 -23.56 6.07
CA ASN A 116 -23.46 -22.78 6.08
C ASN A 116 -23.21 -21.52 6.90
N ASN A 117 -22.52 -21.65 8.05
CA ASN A 117 -22.32 -20.53 8.99
C ASN A 117 -21.31 -19.55 8.39
N PHE A 118 -20.31 -20.03 7.66
CA PHE A 118 -19.31 -19.13 7.04
C PHE A 118 -20.02 -18.17 6.08
N TRP A 119 -20.72 -18.67 5.07
CA TRP A 119 -21.41 -17.81 4.06
C TRP A 119 -22.45 -16.92 4.74
N ARG A 120 -23.24 -17.49 5.67
CA ARG A 120 -24.30 -16.74 6.41
C ARG A 120 -23.65 -15.57 7.14
N THR A 121 -22.54 -15.82 7.84
CA THR A 121 -21.88 -14.80 8.71
C THR A 121 -21.29 -13.67 7.85
N MET A 122 -20.71 -13.99 6.69
CA MET A 122 -20.19 -12.93 5.76
C MET A 122 -21.34 -11.96 5.46
N ASP A 123 -22.54 -12.47 5.16
CA ASP A 123 -23.72 -11.65 4.79
C ASP A 123 -24.24 -10.97 6.04
N ASP A 124 -24.23 -11.63 7.19
CA ASP A 124 -24.69 -11.03 8.48
C ASP A 124 -23.84 -9.79 8.75
N MET A 125 -22.52 -9.96 8.73
CA MET A 125 -21.56 -8.84 8.95
C MET A 125 -21.78 -7.78 7.86
N GLY A 126 -22.01 -8.19 6.61
CA GLY A 126 -22.26 -7.26 5.48
C GLY A 126 -23.43 -6.32 5.77
N ARG A 127 -24.47 -6.84 6.40
CA ARG A 127 -25.72 -6.06 6.61
C ARG A 127 -25.44 -4.93 7.60
N GLU A 128 -24.35 -4.97 8.34
CA GLU A 128 -23.98 -3.90 9.30
C GLU A 128 -23.22 -2.76 8.60
N ILE A 129 -22.82 -2.95 7.33
CA ILE A 129 -21.81 -2.06 6.68
C ILE A 129 -22.52 -1.24 5.63
N PRO A 130 -22.66 0.08 5.81
CA PRO A 130 -23.29 0.89 4.77
C PRO A 130 -22.44 0.89 3.50
N SER A 131 -23.08 0.69 2.34
CA SER A 131 -22.46 0.59 0.99
C SER A 131 -21.67 1.85 0.67
N ASP A 132 -22.16 3.00 1.12
CA ASP A 132 -21.65 4.34 0.75
C ASP A 132 -20.72 4.86 1.85
N ALA A 133 -20.52 4.12 2.94
CA ALA A 133 -19.66 4.58 4.05
C ALA A 133 -19.30 3.41 4.94
N PRO A 134 -18.45 2.48 4.46
CA PRO A 134 -18.17 1.28 5.24
C PRO A 134 -17.54 1.56 6.62
N TRP A 135 -16.84 2.68 6.75
CA TRP A 135 -16.22 3.15 8.01
C TRP A 135 -17.28 3.53 9.08
N LYS A 136 -18.56 3.63 8.70
CA LYS A 136 -19.64 3.90 9.67
C LYS A 136 -20.21 2.59 10.22
N ALA A 137 -19.75 1.42 9.79
CA ALA A 137 -20.17 0.15 10.46
C ALA A 137 -19.94 0.31 11.96
N PRO A 138 -20.87 -0.15 12.82
CA PRO A 138 -20.66 -0.08 14.27
C PRO A 138 -19.31 -0.63 14.77
N LEU A 139 -18.80 -1.74 14.21
CA LEU A 139 -17.51 -2.38 14.63
C LEU A 139 -16.45 -2.10 13.55
N ALA A 140 -16.54 -0.96 12.86
CA ALA A 140 -15.72 -0.67 11.66
C ALA A 140 -14.25 -0.82 12.04
N GLU A 141 -13.87 -0.24 13.17
CA GLU A 141 -12.47 -0.22 13.64
C GLU A 141 -11.95 -1.64 13.90
N GLU A 142 -12.66 -2.40 14.74
CA GLU A 142 -12.36 -3.81 15.07
C GLU A 142 -12.22 -4.64 13.78
N TRP A 143 -13.16 -4.49 12.85
CA TRP A 143 -13.12 -5.33 11.63
C TRP A 143 -12.02 -4.86 10.66
N ASP A 144 -11.71 -3.57 10.65
CA ASP A 144 -10.67 -3.05 9.75
C ASP A 144 -9.25 -3.35 10.27
N ASN A 145 -9.11 -3.66 11.56
CA ASN A 145 -7.80 -3.86 12.22
C ASN A 145 -7.45 -5.36 12.20
N MET A 146 -8.23 -6.17 11.50
CA MET A 146 -7.92 -7.60 11.31
C MET A 146 -7.95 -7.89 9.82
N THR A 147 -7.15 -8.85 9.41
CA THR A 147 -7.13 -9.31 8.01
C THR A 147 -8.24 -10.34 7.82
N MET A 148 -8.53 -10.64 6.58
CA MET A 148 -9.46 -11.73 6.27
C MET A 148 -8.87 -13.04 6.79
N LYS A 149 -7.54 -13.19 6.90
CA LYS A 149 -6.94 -14.44 7.44
C LYS A 149 -7.40 -14.61 8.90
N GLU A 150 -7.21 -13.57 9.73
CA GLU A 150 -7.61 -13.60 11.15
C GLU A 150 -9.11 -13.91 11.25
N LEU A 151 -9.95 -13.27 10.43
CA LEU A 151 -11.41 -13.52 10.46
C LEU A 151 -11.72 -14.98 10.13
N LEU A 152 -11.13 -15.58 9.07
CA LEU A 152 -11.35 -17.00 8.70
C LEU A 152 -10.83 -17.91 9.81
N ASP A 153 -9.69 -17.58 10.46
CA ASP A 153 -9.13 -18.37 11.60
C ASP A 153 -10.14 -18.38 12.78
N LYS A 154 -10.85 -17.30 13.03
CA LYS A 154 -11.91 -17.24 14.08
C LYS A 154 -13.22 -17.94 13.64
N LEU A 155 -13.66 -17.78 12.38
CA LEU A 155 -14.99 -18.25 11.92
C LEU A 155 -15.00 -19.75 11.59
N CYS A 156 -13.96 -20.26 10.94
CA CYS A 156 -14.00 -21.59 10.27
C CYS A 156 -13.51 -22.63 11.27
N TRP A 157 -14.40 -23.53 11.68
CA TRP A 157 -14.08 -24.56 12.69
C TRP A 157 -13.63 -25.81 11.96
N THR A 158 -13.60 -25.78 10.62
CA THR A 158 -13.13 -26.90 9.75
C THR A 158 -12.15 -26.36 8.72
N GLU A 159 -11.15 -27.17 8.40
CA GLU A 159 -10.15 -26.90 7.32
C GLU A 159 -10.87 -26.81 5.98
N SER A 160 -11.91 -27.62 5.79
CA SER A 160 -12.71 -27.65 4.54
C SER A 160 -13.33 -26.26 4.27
N ALA A 161 -14.00 -25.64 5.24
CA ALA A 161 -14.59 -24.29 5.10
C ALA A 161 -13.46 -23.24 4.96
N LYS A 162 -12.39 -23.36 5.74
CA LYS A 162 -11.28 -22.38 5.69
C LYS A 162 -10.61 -22.41 4.30
N GLN A 163 -10.46 -23.59 3.70
CA GLN A 163 -9.86 -23.76 2.37
C GLN A 163 -10.78 -23.14 1.32
N LEU A 164 -12.08 -23.40 1.37
CA LEU A 164 -13.02 -22.84 0.37
C LEU A 164 -13.13 -21.31 0.56
N ALA A 165 -13.16 -20.84 1.81
CA ALA A 165 -13.25 -19.40 2.15
C ALA A 165 -12.01 -18.68 1.61
N THR A 166 -10.84 -19.30 1.76
CA THR A 166 -9.54 -18.74 1.30
C THR A 166 -9.62 -18.59 -0.23
N LEU A 167 -10.08 -19.62 -0.93
CA LEU A 167 -10.21 -19.58 -2.40
C LEU A 167 -11.18 -18.45 -2.79
N PHE A 168 -12.29 -18.31 -2.07
CA PHE A 168 -13.32 -17.27 -2.30
C PHE A 168 -12.67 -15.87 -2.26
N VAL A 169 -11.84 -15.61 -1.26
CA VAL A 169 -11.15 -14.29 -1.17
C VAL A 169 -10.15 -14.15 -2.34
N ASN A 170 -9.27 -15.12 -2.54
CA ASN A 170 -8.26 -15.11 -3.62
C ASN A 170 -8.94 -14.80 -4.97
N LEU A 171 -10.07 -15.43 -5.25
CA LEU A 171 -10.73 -15.37 -6.58
C LEU A 171 -11.46 -14.02 -6.72
N CYS A 172 -12.12 -13.62 -5.64
CA CYS A 172 -12.99 -12.42 -5.64
CA CYS A 172 -12.99 -12.41 -5.61
C CYS A 172 -12.15 -11.14 -5.73
N VAL A 173 -10.98 -11.06 -5.07
CA VAL A 173 -10.20 -9.79 -4.96
C VAL A 173 -8.70 -10.02 -5.29
N THR A 174 -8.32 -11.17 -5.88
CA THR A 174 -6.97 -11.41 -6.45
C THR A 174 -5.90 -11.02 -5.41
N ALA A 175 -6.16 -11.39 -4.16
CA ALA A 175 -5.27 -11.05 -3.03
C ALA A 175 -5.37 -12.16 -1.98
N GLU A 176 -4.33 -12.27 -1.18
CA GLU A 176 -4.24 -13.29 -0.09
C GLU A 176 -5.17 -12.84 1.03
N THR A 177 -5.70 -13.77 1.82
CA THR A 177 -6.49 -13.43 3.03
C THR A 177 -5.70 -12.52 4.00
N HIS A 178 -4.40 -12.72 4.13
CA HIS A 178 -3.56 -11.95 5.08
C HIS A 178 -3.23 -10.56 4.53
N GLU A 179 -3.50 -10.29 3.24
CA GLU A 179 -3.19 -8.99 2.59
C GLU A 179 -4.32 -7.99 2.86
N VAL A 180 -5.55 -8.46 3.06
CA VAL A 180 -6.75 -7.60 2.98
C VAL A 180 -7.44 -7.40 4.35
N SER A 181 -7.92 -6.19 4.55
CA SER A 181 -8.85 -5.80 5.64
C SER A 181 -10.09 -6.68 5.60
N ALA A 182 -10.50 -7.21 6.76
CA ALA A 182 -11.79 -7.92 6.96
C ALA A 182 -12.94 -6.95 6.68
N LEU A 183 -12.91 -5.73 7.22
CA LEU A 183 -13.94 -4.69 6.92
C LEU A 183 -14.08 -4.43 5.42
N TRP A 184 -12.96 -4.18 4.74
CA TRP A 184 -12.99 -3.89 3.29
C TRP A 184 -13.57 -5.10 2.54
N PHE A 185 -13.13 -6.32 2.84
CA PHE A 185 -13.60 -7.52 2.09
C PHE A 185 -15.11 -7.68 2.32
N LEU A 186 -15.57 -7.50 3.57
CA LEU A 186 -17.01 -7.67 3.93
C LEU A 186 -17.85 -6.61 3.21
N TRP A 187 -17.32 -5.39 3.11
CA TRP A 187 -17.92 -4.29 2.32
C TRP A 187 -18.00 -4.72 0.84
N TYR A 188 -16.89 -5.21 0.29
CA TYR A 188 -16.75 -5.50 -1.16
C TYR A 188 -17.86 -6.49 -1.54
N VAL A 189 -18.05 -7.51 -0.72
CA VAL A 189 -19.03 -8.58 -1.00
C VAL A 189 -20.45 -8.01 -0.85
N LYS A 190 -20.69 -7.25 0.21
CA LYS A 190 -22.03 -6.69 0.49
C LYS A 190 -22.45 -5.75 -0.65
N GLN A 191 -21.54 -4.91 -1.16
CA GLN A 191 -21.87 -3.89 -2.19
C GLN A 191 -22.05 -4.53 -3.57
N CYS A 192 -21.83 -5.83 -3.74
CA CYS A 192 -22.19 -6.59 -4.96
C CYS A 192 -23.48 -7.40 -4.71
N GLY A 193 -24.15 -7.24 -3.55
CA GLY A 193 -25.42 -7.95 -3.25
C GLY A 193 -25.19 -9.20 -2.41
N GLY A 194 -23.97 -9.47 -1.93
CA GLY A 194 -23.67 -10.53 -0.95
C GLY A 194 -23.07 -11.77 -1.59
N THR A 195 -22.85 -12.82 -0.79
CA THR A 195 -22.10 -14.04 -1.18
C THR A 195 -22.74 -14.71 -2.40
N THR A 196 -24.03 -15.05 -2.36
CA THR A 196 -24.64 -15.79 -3.49
C THR A 196 -24.48 -14.98 -4.79
N ARG A 197 -24.85 -13.71 -4.77
CA ARG A 197 -24.85 -12.87 -6.00
C ARG A 197 -23.43 -12.83 -6.54
N ILE A 198 -22.41 -12.65 -5.70
CA ILE A 198 -21.03 -12.40 -6.21
C ILE A 198 -20.44 -13.72 -6.75
N ILE A 199 -20.77 -14.88 -6.15
CA ILE A 199 -20.09 -16.14 -6.54
C ILE A 199 -20.81 -16.84 -7.70
N SER A 200 -22.04 -16.43 -8.05
CA SER A 200 -22.90 -17.22 -8.96
C SER A 200 -22.59 -16.91 -10.42
N THR A 201 -22.64 -17.96 -11.26
CA THR A 201 -22.71 -17.80 -12.74
C THR A 201 -24.17 -17.53 -13.11
N THR A 202 -25.00 -18.56 -13.19
CA THR A 202 -26.49 -18.36 -13.26
C THR A 202 -26.92 -17.49 -12.05
N ASN A 203 -27.63 -16.39 -12.31
CA ASN A 203 -28.22 -15.48 -11.28
C ASN A 203 -27.16 -14.62 -10.56
N GLY A 204 -25.92 -14.50 -11.06
CA GLY A 204 -24.87 -13.71 -10.40
C GLY A 204 -23.89 -13.04 -11.32
N GLY A 205 -22.77 -12.57 -10.73
CA GLY A 205 -21.74 -11.75 -11.42
C GLY A 205 -21.29 -12.36 -12.74
N GLN A 206 -21.23 -13.69 -12.83
CA GLN A 206 -20.53 -14.39 -13.95
C GLN A 206 -21.54 -14.94 -14.98
N GLU A 207 -22.79 -14.47 -14.99
CA GLU A 207 -23.85 -15.06 -15.84
C GLU A 207 -23.56 -14.84 -17.33
N ARG A 208 -23.07 -13.66 -17.72
CA ARG A 208 -23.00 -13.27 -19.14
C ARG A 208 -21.67 -12.64 -19.54
N LYS A 209 -21.43 -12.65 -20.84
CA LYS A 209 -20.36 -11.92 -21.56
C LYS A 209 -21.03 -11.14 -22.68
N PHE A 210 -20.32 -10.17 -23.21
CA PHE A 210 -20.74 -9.36 -24.37
C PHE A 210 -20.37 -10.12 -25.62
N VAL A 211 -21.31 -10.21 -26.56
CA VAL A 211 -20.99 -10.73 -27.92
C VAL A 211 -19.94 -9.80 -28.56
N GLY A 212 -18.73 -10.30 -28.89
CA GLY A 212 -17.67 -9.49 -29.52
C GLY A 212 -16.68 -8.90 -28.53
N GLY A 213 -16.93 -9.03 -27.21
CA GLY A 213 -16.01 -8.53 -26.16
C GLY A 213 -16.43 -7.21 -25.55
N SER A 214 -16.01 -6.99 -24.30
CA SER A 214 -16.34 -5.83 -23.43
C SER A 214 -15.58 -4.57 -23.88
N GLY A 215 -14.43 -4.71 -24.53
CA GLY A 215 -13.71 -3.57 -25.16
C GLY A 215 -14.56 -2.70 -26.09
N GLN A 216 -15.58 -3.26 -26.73
CA GLN A 216 -16.51 -2.54 -27.60
C GLN A 216 -17.20 -1.41 -26.84
N VAL A 217 -17.36 -1.55 -25.53
CA VAL A 217 -18.05 -0.48 -24.73
C VAL A 217 -17.22 0.81 -24.90
N SER A 218 -15.94 0.72 -24.62
CA SER A 218 -15.04 1.89 -24.62
C SER A 218 -14.81 2.34 -26.07
N GLU A 219 -14.64 1.39 -26.99
CA GLU A 219 -14.39 1.70 -28.42
C GLU A 219 -15.59 2.47 -29.01
N ARG A 220 -16.81 2.01 -28.77
CA ARG A 220 -18.02 2.62 -29.38
C ARG A 220 -18.24 4.01 -28.77
N ILE A 221 -17.97 4.20 -27.49
CA ILE A 221 -18.04 5.59 -26.94
C ILE A 221 -16.97 6.45 -27.61
N MET A 222 -15.76 5.90 -27.83
CA MET A 222 -14.71 6.66 -28.55
C MET A 222 -15.26 7.06 -29.93
N ASP A 223 -15.96 6.17 -30.61
CA ASP A 223 -16.52 6.44 -31.97
C ASP A 223 -17.46 7.65 -31.88
N LEU A 224 -18.35 7.68 -30.87
CA LEU A 224 -19.30 8.79 -30.65
C LEU A 224 -18.57 10.10 -30.35
N LEU A 225 -17.41 10.04 -29.67
CA LEU A 225 -16.72 11.26 -29.17
C LEU A 225 -15.77 11.77 -30.27
N GLY A 226 -15.42 10.95 -31.25
CA GLY A 226 -14.50 11.29 -32.37
C GLY A 226 -13.17 11.71 -31.82
N ASP A 227 -12.63 12.84 -32.29
CA ASP A 227 -11.24 13.24 -31.94
C ASP A 227 -11.21 13.87 -30.53
N ARG A 228 -12.30 13.84 -29.77
CA ARG A 228 -12.24 14.27 -28.36
C ARG A 228 -11.38 13.29 -27.54
N VAL A 229 -11.18 12.05 -27.98
CA VAL A 229 -10.32 11.10 -27.22
C VAL A 229 -8.86 11.24 -27.70
N LYS A 230 -7.94 11.51 -26.78
CA LYS A 230 -6.50 11.64 -27.09
C LYS A 230 -5.77 10.42 -26.56
N LEU A 231 -5.33 9.55 -27.45
CA LEU A 231 -4.53 8.35 -27.11
C LEU A 231 -3.05 8.74 -26.95
N GLU A 232 -2.32 7.96 -26.14
CA GLU A 232 -0.89 8.17 -25.84
C GLU A 232 -0.70 9.60 -25.29
N ARG A 233 -1.61 10.03 -24.42
CA ARG A 233 -1.55 11.27 -23.61
C ARG A 233 -1.60 10.88 -22.13
N PRO A 234 -0.52 10.27 -21.59
CA PRO A 234 -0.42 10.08 -20.14
C PRO A 234 -0.42 11.47 -19.50
N VAL A 235 -1.32 11.71 -18.55
CA VAL A 235 -1.28 12.96 -17.73
C VAL A 235 -0.11 12.88 -16.74
N ILE A 236 0.66 13.97 -16.63
CA ILE A 236 1.83 14.08 -15.71
C ILE A 236 1.65 15.18 -14.65
N TYR A 237 0.75 16.14 -14.86
CA TYR A 237 0.76 17.43 -14.10
C TYR A 237 -0.63 18.04 -14.16
N ILE A 238 -1.15 18.38 -12.98
CA ILE A 238 -2.45 19.10 -12.84
C ILE A 238 -2.20 20.32 -11.98
N ASP A 239 -2.58 21.49 -12.49
CA ASP A 239 -2.38 22.79 -11.84
C ASP A 239 -3.75 23.43 -11.60
N GLN A 240 -4.08 23.64 -10.32
CA GLN A 240 -5.33 24.30 -9.91
C GLN A 240 -5.05 25.68 -9.27
N THR A 241 -3.88 26.27 -9.44
CA THR A 241 -3.54 27.57 -8.80
C THR A 241 -4.24 28.73 -9.54
N ARG A 242 -4.75 28.53 -10.77
CA ARG A 242 -5.37 29.62 -11.59
C ARG A 242 -6.87 29.35 -11.81
N GLU A 243 -7.52 30.19 -12.62
CA GLU A 243 -9.00 30.22 -12.74
C GLU A 243 -9.44 28.94 -13.45
N ASN A 244 -8.73 28.59 -14.52
CA ASN A 244 -8.92 27.35 -15.31
C ASN A 244 -7.89 26.32 -14.83
N VAL A 245 -8.32 25.06 -14.72
CA VAL A 245 -7.40 23.93 -14.40
C VAL A 245 -6.50 23.69 -15.61
N LEU A 246 -5.21 23.57 -15.39
CA LEU A 246 -4.25 23.17 -16.45
C LEU A 246 -3.90 21.68 -16.29
N VAL A 247 -4.01 20.93 -17.37
CA VAL A 247 -3.68 19.49 -17.38
C VAL A 247 -2.62 19.31 -18.46
N GLU A 248 -1.44 18.87 -18.05
CA GLU A 248 -0.32 18.57 -18.98
C GLU A 248 -0.12 17.06 -19.14
N THR A 249 0.14 16.66 -20.39
CA THR A 249 0.44 15.26 -20.77
C THR A 249 1.94 15.08 -20.97
N LEU A 250 2.41 13.85 -21.01
CA LEU A 250 3.84 13.46 -21.14
C LEU A 250 4.48 14.04 -22.43
N ASN A 251 3.72 14.18 -23.52
CA ASN A 251 4.21 14.77 -24.81
C ASN A 251 4.15 16.31 -24.76
N HIS A 252 3.95 16.92 -23.60
CA HIS A 252 4.02 18.39 -23.35
C HIS A 252 2.77 19.12 -23.88
N GLU A 253 1.71 18.42 -24.30
CA GLU A 253 0.44 19.10 -24.66
C GLU A 253 -0.18 19.68 -23.39
N MET A 254 -0.85 20.81 -23.51
CA MET A 254 -1.50 21.47 -22.35
C MET A 254 -2.99 21.52 -22.63
N TYR A 255 -3.81 21.10 -21.67
CA TYR A 255 -5.29 21.23 -21.73
C TYR A 255 -5.70 22.15 -20.59
N GLU A 256 -6.70 22.97 -20.89
CA GLU A 256 -7.24 23.97 -19.95
C GLU A 256 -8.73 23.68 -19.82
N ALA A 257 -9.23 23.57 -18.59
CA ALA A 257 -10.63 23.16 -18.35
C ALA A 257 -11.24 23.88 -17.16
N LYS A 258 -12.56 23.88 -17.07
CA LYS A 258 -13.29 24.29 -15.86
C LYS A 258 -13.09 23.24 -14.75
N TYR A 259 -13.17 21.96 -15.10
CA TYR A 259 -13.12 20.84 -14.12
C TYR A 259 -12.39 19.64 -14.72
N VAL A 260 -11.97 18.75 -13.84
CA VAL A 260 -11.26 17.49 -14.20
C VAL A 260 -12.00 16.32 -13.53
N ILE A 261 -12.13 15.23 -14.27
CA ILE A 261 -12.49 13.93 -13.65
C ILE A 261 -11.24 13.04 -13.70
N SER A 262 -10.77 12.61 -12.53
CA SER A 262 -9.76 11.51 -12.39
C SER A 262 -10.47 10.14 -12.51
N ALA A 263 -10.37 9.45 -13.66
CA ALA A 263 -11.01 8.13 -13.87
C ALA A 263 -9.97 7.00 -13.97
N ILE A 264 -8.89 7.15 -13.22
CA ILE A 264 -7.79 6.16 -13.09
C ILE A 264 -7.87 5.46 -11.72
N PRO A 265 -7.28 4.25 -11.59
CA PRO A 265 -7.21 3.58 -10.29
C PRO A 265 -6.62 4.56 -9.26
N PRO A 266 -7.10 4.60 -8.01
CA PRO A 266 -6.62 5.61 -7.06
C PRO A 266 -5.09 5.76 -6.95
N THR A 267 -4.37 4.67 -6.77
CA THR A 267 -2.89 4.74 -6.57
C THR A 267 -2.23 5.34 -7.81
N LEU A 268 -2.79 5.17 -9.02
CA LEU A 268 -2.17 5.72 -10.25
C LEU A 268 -2.28 7.26 -10.26
N GLY A 269 -3.06 7.83 -9.34
CA GLY A 269 -2.94 9.26 -8.96
C GLY A 269 -1.49 9.70 -8.70
N MET A 270 -0.64 8.77 -8.27
CA MET A 270 0.76 9.03 -7.89
C MET A 270 1.58 9.44 -9.12
N LYS A 271 1.14 9.07 -10.32
CA LYS A 271 1.84 9.34 -11.59
C LYS A 271 1.66 10.80 -11.98
N ILE A 272 0.84 11.55 -11.24
CA ILE A 272 0.53 12.97 -11.58
C ILE A 272 1.18 13.83 -10.49
N HIS A 273 1.93 14.85 -10.91
CA HIS A 273 2.47 15.90 -10.01
C HIS A 273 1.38 16.98 -9.83
N PHE A 274 1.08 17.33 -8.59
CA PHE A 274 -0.07 18.21 -8.30
C PHE A 274 0.44 19.58 -7.83
N ASN A 275 -0.21 20.64 -8.30
CA ASN A 275 0.02 22.05 -7.84
C ASN A 275 -1.35 22.69 -7.67
N PRO A 276 -1.73 23.06 -6.43
CA PRO A 276 -0.88 22.87 -5.25
C PRO A 276 -0.83 21.39 -4.87
N PRO A 277 -0.04 21.01 -3.85
CA PRO A 277 0.01 19.60 -3.43
C PRO A 277 -1.39 19.10 -3.01
N LEU A 278 -1.64 17.80 -3.19
CA LEU A 278 -2.90 17.19 -2.69
C LEU A 278 -3.03 17.51 -1.21
N PRO A 279 -4.26 17.63 -0.68
CA PRO A 279 -4.46 17.62 0.77
C PRO A 279 -3.82 16.35 1.40
N MET A 280 -3.36 16.49 2.63
CA MET A 280 -2.64 15.44 3.39
C MET A 280 -3.29 14.05 3.22
N MET A 281 -4.59 13.93 3.47
CA MET A 281 -5.24 12.60 3.55
C MET A 281 -5.23 11.94 2.16
N ARG A 282 -5.46 12.65 1.06
CA ARG A 282 -5.37 12.00 -0.28
C ARG A 282 -3.87 11.67 -0.61
N ASN A 283 -2.95 12.58 -0.26
CA ASN A 283 -1.48 12.44 -0.47
C ASN A 283 -1.05 11.05 0.04
N GLN A 284 -1.47 10.69 1.25
CA GLN A 284 -1.09 9.39 1.85
C GLN A 284 -2.00 8.26 1.33
N MET A 285 -3.27 8.50 1.10
CA MET A 285 -4.25 7.44 0.70
C MET A 285 -3.78 6.80 -0.60
N ILE A 286 -3.22 7.57 -1.54
CA ILE A 286 -2.88 7.03 -2.89
C ILE A 286 -1.58 6.24 -2.85
N THR A 287 -0.96 6.09 -1.67
CA THR A 287 0.23 5.21 -1.46
C THR A 287 -0.13 3.94 -0.67
N ARG A 288 -1.40 3.77 -0.31
CA ARG A 288 -1.88 2.74 0.64
C ARG A 288 -2.90 1.79 0.01
N VAL A 289 -3.10 1.84 -1.31
CA VAL A 289 -4.26 1.17 -1.96
C VAL A 289 -3.75 0.48 -3.24
N PRO A 290 -3.08 -0.68 -3.08
CA PRO A 290 -2.59 -1.46 -4.21
C PRO A 290 -3.72 -2.20 -4.96
N LEU A 291 -3.44 -2.62 -6.18
CA LEU A 291 -4.37 -3.53 -6.95
C LEU A 291 -3.88 -4.96 -6.81
N GLY A 292 -4.81 -5.91 -6.95
CA GLY A 292 -4.51 -7.35 -6.83
C GLY A 292 -3.68 -7.86 -7.99
N SER A 293 -3.39 -9.15 -7.96
CA SER A 293 -2.48 -9.81 -8.93
C SER A 293 -3.23 -10.96 -9.62
N VAL A 294 -3.20 -10.99 -10.97
CA VAL A 294 -3.89 -12.04 -11.74
C VAL A 294 -3.29 -12.17 -13.15
N ILE A 295 -3.17 -13.42 -13.58
CA ILE A 295 -2.95 -13.80 -14.99
C ILE A 295 -4.24 -14.44 -15.49
N LYS A 296 -4.85 -13.87 -16.51
CA LYS A 296 -6.04 -14.48 -17.14
C LYS A 296 -5.51 -15.31 -18.31
N CYS A 297 -5.82 -16.60 -18.33
CA CYS A 297 -5.28 -17.59 -19.27
C CYS A 297 -6.45 -18.28 -19.99
N ILE A 298 -6.41 -18.35 -21.32
CA ILE A 298 -7.49 -18.99 -22.13
C ILE A 298 -6.84 -20.06 -23.00
N VAL A 299 -7.15 -21.33 -22.69
CA VAL A 299 -6.64 -22.50 -23.45
C VAL A 299 -7.72 -22.93 -24.45
N TYR A 300 -7.36 -23.03 -25.72
CA TYR A 300 -8.31 -23.39 -26.80
C TYR A 300 -8.17 -24.86 -27.13
N TYR A 301 -9.30 -25.47 -27.48
CA TYR A 301 -9.44 -26.90 -27.86
C TYR A 301 -10.29 -27.00 -29.12
N LYS A 302 -10.16 -28.13 -29.81
CA LYS A 302 -10.93 -28.50 -31.03
C LYS A 302 -12.43 -28.45 -30.71
N GLU A 303 -12.84 -28.92 -29.53
CA GLU A 303 -14.27 -29.08 -29.14
C GLU A 303 -14.39 -28.84 -27.64
N PRO A 304 -15.59 -28.47 -27.14
CA PRO A 304 -15.81 -28.36 -25.69
C PRO A 304 -16.09 -29.75 -25.10
N PHE A 305 -15.04 -30.57 -25.07
CA PHE A 305 -15.08 -32.03 -24.80
C PHE A 305 -15.61 -32.29 -23.39
N TRP A 306 -15.37 -31.37 -22.46
CA TRP A 306 -15.84 -31.49 -21.04
C TRP A 306 -17.36 -31.69 -20.99
N ARG A 307 -18.08 -31.03 -21.91
CA ARG A 307 -19.56 -31.08 -21.99
C ARG A 307 -20.04 -32.52 -22.25
N LYS A 308 -19.28 -33.30 -23.03
CA LYS A 308 -19.58 -34.74 -23.33
C LYS A 308 -19.50 -35.58 -22.04
N LYS A 309 -18.76 -35.17 -21.01
CA LYS A 309 -18.69 -35.84 -19.69
C LYS A 309 -19.65 -35.20 -18.70
N ASP A 310 -20.56 -34.39 -19.20
CA ASP A 310 -21.56 -33.67 -18.38
C ASP A 310 -20.81 -32.74 -17.40
N TYR A 311 -19.74 -32.08 -17.88
CA TYR A 311 -19.07 -30.97 -17.17
C TYR A 311 -19.28 -29.66 -17.93
N CYS A 312 -19.75 -28.62 -17.27
CA CYS A 312 -20.01 -27.30 -17.92
C CYS A 312 -18.69 -26.57 -18.22
N GLY A 313 -17.61 -26.84 -17.46
CA GLY A 313 -16.27 -26.24 -17.67
C GLY A 313 -15.86 -25.43 -16.44
N THR A 314 -16.77 -25.27 -15.49
CA THR A 314 -16.50 -24.58 -14.21
C THR A 314 -15.71 -25.55 -13.31
N MET A 315 -14.55 -25.10 -12.87
CA MET A 315 -13.69 -25.87 -11.95
C MET A 315 -13.32 -24.94 -10.81
N ILE A 316 -13.56 -25.39 -9.59
CA ILE A 316 -13.12 -24.75 -8.34
C ILE A 316 -12.07 -25.66 -7.71
N ILE A 317 -10.82 -25.22 -7.64
CA ILE A 317 -9.65 -26.11 -7.39
C ILE A 317 -8.87 -25.59 -6.19
N ASP A 318 -8.98 -26.26 -5.03
CA ASP A 318 -8.45 -25.84 -3.70
C ASP A 318 -6.92 -26.04 -3.67
N GLY A 319 -6.21 -25.29 -2.82
CA GLY A 319 -4.86 -25.68 -2.37
C GLY A 319 -3.75 -25.02 -3.18
N GLU A 320 -2.50 -25.33 -2.82
CA GLU A 320 -1.27 -24.61 -3.24
C GLU A 320 -0.79 -25.06 -4.62
N GLU A 321 -0.76 -26.36 -4.90
CA GLU A 321 -0.07 -26.89 -6.09
C GLU A 321 -0.78 -26.42 -7.36
N ALA A 322 -2.11 -26.31 -7.36
CA ALA A 322 -2.85 -25.90 -8.59
C ALA A 322 -2.44 -24.49 -9.00
N PRO A 323 -1.95 -24.27 -10.24
CA PRO A 323 -1.70 -22.94 -10.76
C PRO A 323 -2.96 -22.09 -10.86
N VAL A 324 -4.07 -22.72 -11.21
CA VAL A 324 -5.39 -22.06 -11.43
C VAL A 324 -6.40 -22.56 -10.39
N ALA A 325 -7.07 -21.67 -9.65
CA ALA A 325 -8.09 -22.07 -8.65
C ALA A 325 -9.51 -21.99 -9.23
N TYR A 326 -9.70 -21.40 -10.40
CA TYR A 326 -11.07 -21.21 -10.94
C TYR A 326 -11.05 -21.13 -12.45
N THR A 327 -11.97 -21.79 -13.09
CA THR A 327 -12.14 -21.79 -14.56
C THR A 327 -13.64 -21.63 -14.88
N LEU A 328 -13.91 -21.12 -16.07
CA LEU A 328 -15.25 -21.08 -16.70
C LEU A 328 -15.07 -21.49 -18.17
N ASP A 329 -16.08 -22.12 -18.73
CA ASP A 329 -16.23 -22.32 -20.19
C ASP A 329 -16.14 -20.93 -20.86
N ASP A 330 -15.25 -20.76 -21.84
CA ASP A 330 -15.12 -19.50 -22.62
C ASP A 330 -15.47 -19.78 -24.10
N THR A 331 -16.13 -20.89 -24.40
CA THR A 331 -16.60 -21.23 -25.78
C THR A 331 -17.54 -20.11 -26.31
N LYS A 332 -17.41 -19.78 -27.59
CA LYS A 332 -18.29 -18.80 -28.25
C LYS A 332 -19.73 -19.31 -28.16
N PRO A 333 -20.74 -18.41 -28.17
CA PRO A 333 -22.14 -18.82 -28.12
C PRO A 333 -22.49 -19.78 -29.28
N GLU A 334 -21.79 -19.68 -30.39
CA GLU A 334 -22.06 -20.48 -31.62
C GLU A 334 -21.61 -21.94 -31.36
N GLY A 335 -20.82 -22.19 -30.30
CA GLY A 335 -20.32 -23.52 -29.93
C GLY A 335 -18.92 -23.75 -30.47
N ASN A 336 -18.32 -22.78 -31.13
CA ASN A 336 -16.96 -22.91 -31.73
C ASN A 336 -15.95 -22.10 -30.90
N TYR A 337 -14.66 -22.19 -31.25
CA TYR A 337 -13.50 -21.71 -30.49
C TYR A 337 -13.66 -22.20 -29.04
N ALA A 338 -13.87 -23.51 -28.87
CA ALA A 338 -13.92 -24.18 -27.57
C ALA A 338 -12.73 -23.72 -26.71
N ALA A 339 -12.98 -23.31 -25.50
CA ALA A 339 -11.91 -22.72 -24.67
C ALA A 339 -12.25 -22.85 -23.18
N ILE A 340 -11.21 -22.94 -22.37
CA ILE A 340 -11.29 -22.84 -20.88
CA ILE A 340 -11.32 -22.83 -20.89
C ILE A 340 -10.56 -21.57 -20.46
N MET A 341 -11.25 -20.71 -19.75
CA MET A 341 -10.72 -19.51 -19.09
C MET A 341 -10.34 -19.91 -17.66
N GLY A 342 -9.11 -19.61 -17.27
CA GLY A 342 -8.62 -19.83 -15.90
C GLY A 342 -7.87 -18.61 -15.38
N PHE A 343 -8.00 -18.35 -14.09
CA PHE A 343 -7.25 -17.30 -13.38
C PHE A 343 -6.12 -17.94 -12.57
N ILE A 344 -4.92 -17.40 -12.75
CA ILE A 344 -3.79 -17.63 -11.81
C ILE A 344 -3.84 -16.48 -10.81
N LEU A 345 -4.06 -16.75 -9.51
CA LEU A 345 -4.48 -15.71 -8.53
C LEU A 345 -3.38 -15.36 -7.52
N ALA A 346 -3.30 -14.07 -7.21
CA ALA A 346 -2.61 -13.51 -6.02
C ALA A 346 -1.14 -13.95 -6.06
N HIS A 347 -0.63 -14.64 -5.03
CA HIS A 347 0.82 -15.01 -5.02
C HIS A 347 1.17 -15.89 -6.23
N LYS A 348 0.24 -16.70 -6.75
CA LYS A 348 0.60 -17.59 -7.87
C LYS A 348 0.88 -16.77 -9.15
N ALA A 349 0.25 -15.60 -9.28
CA ALA A 349 0.44 -14.70 -10.44
C ALA A 349 1.87 -14.16 -10.38
N ARG A 350 2.41 -13.98 -9.17
CA ARG A 350 3.81 -13.54 -8.94
C ARG A 350 4.76 -14.71 -9.18
N LYS A 351 4.55 -15.82 -8.47
CA LYS A 351 5.42 -17.04 -8.57
C LYS A 351 5.52 -17.54 -10.03
N LEU A 352 4.40 -17.76 -10.71
CA LEU A 352 4.37 -18.45 -12.03
C LEU A 352 4.73 -17.48 -13.19
N ALA A 353 4.83 -16.17 -12.95
CA ALA A 353 5.24 -15.19 -13.99
C ALA A 353 6.69 -15.50 -14.41
N ARG A 354 7.46 -16.17 -13.56
CA ARG A 354 8.87 -16.62 -13.81
C ARG A 354 8.94 -17.60 -14.98
N LEU A 355 7.87 -18.35 -15.26
CA LEU A 355 7.79 -19.39 -16.32
C LEU A 355 7.65 -18.70 -17.67
N THR A 356 7.87 -19.44 -18.75
CA THR A 356 7.57 -19.04 -20.15
C THR A 356 6.06 -19.27 -20.38
N LYS A 357 5.51 -18.62 -21.41
CA LYS A 357 4.11 -18.80 -21.84
C LYS A 357 3.86 -20.30 -22.06
N GLU A 358 4.82 -21.00 -22.67
CA GLU A 358 4.68 -22.44 -23.02
C GLU A 358 4.61 -23.28 -21.73
N GLU A 359 5.45 -22.98 -20.73
CA GLU A 359 5.47 -23.71 -19.45
C GLU A 359 4.17 -23.47 -18.68
N ARG A 360 3.60 -22.25 -18.69
CA ARG A 360 2.28 -22.04 -18.03
C ARG A 360 1.20 -22.82 -18.79
N LEU A 361 1.20 -22.82 -20.13
CA LEU A 361 0.18 -23.61 -20.89
C LEU A 361 0.24 -25.09 -20.50
N LYS A 362 1.45 -25.63 -20.40
CA LYS A 362 1.68 -27.07 -20.07
C LYS A 362 1.12 -27.38 -18.68
N LYS A 363 1.45 -26.56 -17.69
CA LYS A 363 0.95 -26.74 -16.30
C LYS A 363 -0.59 -26.67 -16.29
N LEU A 364 -1.19 -25.77 -17.06
CA LEU A 364 -2.68 -25.59 -17.07
C LEU A 364 -3.32 -26.82 -17.71
N CYS A 365 -2.79 -27.26 -18.84
CA CYS A 365 -3.27 -28.51 -19.52
C CYS A 365 -3.21 -29.70 -18.58
N GLU A 366 -2.12 -29.90 -17.84
CA GLU A 366 -1.97 -31.10 -16.97
C GLU A 366 -2.98 -31.01 -15.82
N LEU A 367 -3.18 -29.81 -15.27
CA LEU A 367 -4.16 -29.57 -14.18
C LEU A 367 -5.55 -29.94 -14.71
N TYR A 368 -5.90 -29.43 -15.88
CA TYR A 368 -7.26 -29.58 -16.44
C TYR A 368 -7.45 -31.08 -16.78
N ALA A 369 -6.42 -31.75 -17.32
CA ALA A 369 -6.50 -33.20 -17.60
C ALA A 369 -6.88 -33.95 -16.33
N LYS A 370 -6.20 -33.70 -15.20
CA LYS A 370 -6.49 -34.41 -13.93
C LYS A 370 -7.90 -34.05 -13.42
N VAL A 371 -8.25 -32.77 -13.41
CA VAL A 371 -9.54 -32.29 -12.81
C VAL A 371 -10.73 -32.83 -13.63
N LEU A 372 -10.61 -32.80 -14.95
CA LEU A 372 -11.68 -33.25 -15.89
C LEU A 372 -11.59 -34.78 -16.13
N GLY A 373 -10.58 -35.46 -15.58
CA GLY A 373 -10.28 -36.88 -15.90
C GLY A 373 -10.20 -37.09 -17.40
N SER A 374 -9.52 -36.18 -18.12
CA SER A 374 -9.60 -36.09 -19.60
C SER A 374 -8.23 -35.89 -20.25
N LEU A 375 -7.73 -36.90 -20.98
CA LEU A 375 -6.47 -36.76 -21.76
C LEU A 375 -6.65 -35.71 -22.87
N GLU A 376 -7.87 -35.45 -23.36
CA GLU A 376 -8.09 -34.43 -24.43
C GLU A 376 -7.58 -33.06 -23.95
N ALA A 377 -7.57 -32.81 -22.63
CA ALA A 377 -7.13 -31.51 -22.06
C ALA A 377 -5.67 -31.26 -22.41
N LEU A 378 -4.91 -32.30 -22.76
CA LEU A 378 -3.46 -32.20 -23.09
C LEU A 378 -3.31 -31.86 -24.57
N GLU A 379 -4.38 -31.61 -25.32
CA GLU A 379 -4.30 -31.33 -26.78
C GLU A 379 -4.82 -29.92 -27.12
N PRO A 380 -4.25 -28.84 -26.54
CA PRO A 380 -4.73 -27.49 -26.84
C PRO A 380 -4.36 -27.16 -28.30
N VAL A 381 -5.14 -26.29 -28.93
CA VAL A 381 -4.91 -25.82 -30.33
C VAL A 381 -4.37 -24.40 -30.28
N HIS A 382 -4.60 -23.68 -29.19
CA HIS A 382 -4.20 -22.25 -29.07
C HIS A 382 -4.20 -21.83 -27.60
N TYR A 383 -3.48 -20.74 -27.28
CA TYR A 383 -3.38 -20.19 -25.91
C TYR A 383 -3.27 -18.67 -26.01
N GLU A 384 -4.01 -17.96 -25.16
CA GLU A 384 -3.81 -16.51 -24.91
C GLU A 384 -3.73 -16.32 -23.39
N GLU A 385 -2.95 -15.34 -22.95
CA GLU A 385 -2.86 -14.99 -21.53
C GLU A 385 -2.55 -13.51 -21.39
N LYS A 386 -2.83 -12.96 -20.21
CA LYS A 386 -2.43 -11.58 -19.89
C LYS A 386 -2.15 -11.48 -18.38
N ASN A 387 -0.90 -11.18 -18.06
CA ASN A 387 -0.49 -10.91 -16.66
C ASN A 387 -0.74 -9.42 -16.40
N TRP A 388 -1.80 -9.08 -15.67
CA TRP A 388 -2.15 -7.67 -15.42
C TRP A 388 -1.19 -7.00 -14.41
N CYS A 389 -0.36 -7.79 -13.70
CA CYS A 389 0.67 -7.25 -12.78
C CYS A 389 1.67 -6.36 -13.54
N GLU A 390 1.77 -6.52 -14.87
CA GLU A 390 2.81 -5.87 -15.72
C GLU A 390 2.42 -4.46 -16.13
N GLU A 391 1.15 -4.10 -15.99
CA GLU A 391 0.56 -2.92 -16.63
C GLU A 391 0.92 -1.67 -15.81
N GLN A 392 1.79 -0.82 -16.37
CA GLN A 392 2.15 0.50 -15.81
C GLN A 392 0.86 1.31 -15.55
N TYR A 393 -0.12 1.25 -16.45
CA TYR A 393 -1.30 2.16 -16.41
C TYR A 393 -2.53 1.40 -15.92
N SER A 394 -2.36 0.25 -15.27
CA SER A 394 -3.42 -0.40 -14.45
C SER A 394 -2.93 -0.57 -13.00
N GLY A 395 -1.74 -1.16 -12.82
CA GLY A 395 -1.16 -1.48 -11.49
C GLY A 395 -1.50 -2.89 -11.03
N GLY A 396 -2.53 -3.48 -11.63
CA GLY A 396 -3.02 -4.84 -11.36
C GLY A 396 -4.45 -5.04 -11.84
N CYS A 397 -5.06 -6.14 -11.41
CA CYS A 397 -6.49 -6.43 -11.61
C CYS A 397 -6.93 -7.39 -10.51
N TYR A 398 -8.25 -7.48 -10.28
CA TYR A 398 -9.28 -6.75 -11.01
C TYR A 398 -9.30 -5.30 -10.54
N THR A 399 -9.03 -5.09 -9.26
CA THR A 399 -9.28 -3.80 -8.60
C THR A 399 -8.35 -3.60 -7.40
N THR A 400 -8.57 -2.46 -6.77
CA THR A 400 -7.85 -1.95 -5.59
C THR A 400 -8.39 -2.70 -4.36
N TYR A 401 -7.47 -3.24 -3.58
CA TYR A 401 -7.76 -3.83 -2.25
C TYR A 401 -7.20 -2.89 -1.17
N PHE A 402 -7.84 -2.94 0.00
CA PHE A 402 -7.46 -2.13 1.17
C PHE A 402 -6.83 -3.05 2.22
N PRO A 403 -5.52 -2.87 2.52
CA PRO A 403 -4.91 -3.59 3.63
C PRO A 403 -5.48 -3.16 4.99
N PRO A 404 -5.21 -3.94 6.06
CA PRO A 404 -5.75 -3.62 7.38
C PRO A 404 -5.46 -2.16 7.77
N GLY A 405 -6.49 -1.49 8.28
CA GLY A 405 -6.40 -0.16 8.92
C GLY A 405 -6.62 1.01 7.98
N ILE A 406 -6.72 0.77 6.67
CA ILE A 406 -6.65 1.88 5.68
C ILE A 406 -8.05 2.40 5.38
N LEU A 407 -9.04 1.54 5.17
CA LEU A 407 -10.42 1.98 4.82
C LEU A 407 -11.00 2.89 5.92
N THR A 408 -10.78 2.59 7.21
CA THR A 408 -11.34 3.43 8.30
C THR A 408 -10.55 4.75 8.38
N GLN A 409 -9.27 4.79 8.03
CA GLN A 409 -8.46 6.03 8.20
C GLN A 409 -8.57 6.91 6.95
N TYR A 410 -8.70 6.30 5.77
CA TYR A 410 -8.53 7.04 4.49
C TYR A 410 -9.75 6.90 3.58
N GLY A 411 -10.74 6.07 3.94
CA GLY A 411 -11.82 5.71 3.00
C GLY A 411 -12.66 6.91 2.58
N ARG A 412 -12.92 7.82 3.51
CA ARG A 412 -13.69 9.07 3.28
C ARG A 412 -13.18 9.83 2.05
N VAL A 413 -11.88 9.84 1.80
CA VAL A 413 -11.31 10.80 0.82
C VAL A 413 -11.35 10.21 -0.59
N LEU A 414 -11.75 8.94 -0.75
CA LEU A 414 -11.70 8.22 -2.06
C LEU A 414 -12.42 9.05 -3.14
N ARG A 415 -13.67 9.50 -2.89
CA ARG A 415 -14.45 10.29 -3.89
C ARG A 415 -14.69 11.72 -3.39
N GLN A 416 -13.91 12.18 -2.43
CA GLN A 416 -13.96 13.60 -2.01
C GLN A 416 -13.27 14.48 -3.06
N PRO A 417 -14.01 15.46 -3.68
CA PRO A 417 -13.42 16.40 -4.64
C PRO A 417 -12.22 17.13 -4.05
N VAL A 418 -11.22 17.37 -4.89
CA VAL A 418 -10.06 18.23 -4.57
C VAL A 418 -10.14 19.47 -5.46
N ASP A 419 -10.74 20.53 -4.90
CA ASP A 419 -11.05 21.79 -5.62
C ASP A 419 -11.92 21.45 -6.85
N ARG A 420 -11.36 21.43 -8.05
CA ARG A 420 -12.18 21.21 -9.28
C ARG A 420 -11.91 19.81 -9.87
N ILE A 421 -11.17 18.96 -9.15
CA ILE A 421 -10.98 17.53 -9.50
C ILE A 421 -12.06 16.68 -8.78
N TYR A 422 -12.81 15.92 -9.56
CA TYR A 422 -13.85 14.95 -9.13
C TYR A 422 -13.35 13.55 -9.47
N PHE A 423 -13.70 12.55 -8.66
CA PHE A 423 -13.11 11.20 -8.78
C PHE A 423 -14.14 10.19 -9.29
N ALA A 424 -13.85 9.60 -10.44
CA ALA A 424 -14.61 8.46 -11.01
C ALA A 424 -13.77 7.18 -10.78
N GLY A 425 -13.89 6.18 -11.64
CA GLY A 425 -13.20 4.89 -11.46
C GLY A 425 -14.03 3.93 -10.65
N THR A 426 -14.05 2.65 -11.03
CA THR A 426 -14.89 1.63 -10.36
C THR A 426 -14.66 1.67 -8.84
N GLU A 427 -13.45 1.98 -8.39
CA GLU A 427 -13.09 1.99 -6.94
C GLU A 427 -13.96 2.95 -6.14
N THR A 428 -14.54 3.99 -6.77
CA THR A 428 -15.37 5.02 -6.07
C THR A 428 -16.86 4.67 -6.12
N ALA A 429 -17.24 3.53 -6.73
CA ALA A 429 -18.64 3.08 -6.84
C ALA A 429 -19.15 2.58 -5.48
N THR A 430 -20.49 2.55 -5.32
CA THR A 430 -21.18 2.05 -4.11
C THR A 430 -21.96 0.77 -4.41
N HIS A 431 -22.04 0.37 -5.68
CA HIS A 431 -22.69 -0.89 -6.11
C HIS A 431 -21.82 -1.54 -7.19
N TRP A 432 -21.28 -2.75 -6.94
CA TRP A 432 -20.36 -3.46 -7.88
C TRP A 432 -19.10 -2.65 -8.14
N SER A 433 -18.60 -1.95 -7.12
CA SER A 433 -17.20 -1.47 -7.10
C SER A 433 -16.28 -2.64 -7.42
N GLY A 434 -15.24 -2.39 -8.25
CA GLY A 434 -14.30 -3.40 -8.77
C GLY A 434 -14.72 -3.93 -10.14
N TYR A 435 -15.95 -3.69 -10.57
CA TYR A 435 -16.53 -4.22 -11.83
C TYR A 435 -16.74 -3.11 -12.86
N MET A 436 -17.03 -3.53 -14.08
CA MET A 436 -17.46 -2.61 -15.16
C MET A 436 -18.73 -1.85 -14.72
N GLU A 437 -19.66 -2.50 -14.03
CA GLU A 437 -20.86 -1.84 -13.46
C GLU A 437 -20.43 -0.64 -12.62
N GLY A 438 -19.53 -0.87 -11.68
CA GLY A 438 -19.04 0.20 -10.77
C GLY A 438 -18.39 1.33 -11.57
N ALA A 439 -17.72 0.99 -12.65
CA ALA A 439 -17.05 2.00 -13.50
C ALA A 439 -18.13 2.92 -14.06
N VAL A 440 -19.28 2.37 -14.46
CA VAL A 440 -20.36 3.20 -15.09
C VAL A 440 -21.00 4.07 -14.00
N GLU A 441 -21.32 3.50 -12.84
CA GLU A 441 -21.91 4.26 -11.70
C GLU A 441 -21.02 5.45 -11.38
N ALA A 442 -19.72 5.21 -11.18
CA ALA A 442 -18.75 6.22 -10.73
C ALA A 442 -18.53 7.31 -11.80
N GLY A 443 -18.47 6.95 -13.08
CA GLY A 443 -18.25 7.92 -14.17
C GLY A 443 -19.42 8.88 -14.27
N GLU A 444 -20.62 8.32 -14.26
CA GLU A 444 -21.89 9.07 -14.38
C GLU A 444 -22.09 9.93 -13.14
N ARG A 445 -21.75 9.43 -11.96
CA ARG A 445 -21.94 10.18 -10.70
C ARG A 445 -20.96 11.37 -10.70
N ALA A 446 -19.70 11.16 -11.11
CA ALA A 446 -18.68 12.22 -11.17
C ALA A 446 -19.10 13.30 -12.20
N ALA A 447 -19.56 12.86 -13.38
CA ALA A 447 -20.06 13.77 -14.42
C ALA A 447 -21.17 14.65 -13.79
N ARG A 448 -22.11 14.05 -13.05
CA ARG A 448 -23.30 14.75 -12.51
C ARG A 448 -22.84 15.66 -11.34
N GLU A 449 -21.84 15.27 -10.55
CA GLU A 449 -21.23 16.20 -9.56
C GLU A 449 -20.82 17.49 -10.26
N ILE A 450 -20.16 17.38 -11.41
CA ILE A 450 -19.71 18.56 -12.20
C ILE A 450 -20.93 19.32 -12.73
N LEU A 451 -21.91 18.64 -13.32
CA LEU A 451 -23.15 19.30 -13.80
C LEU A 451 -23.80 20.08 -12.64
N HIS A 452 -23.80 19.50 -11.42
CA HIS A 452 -24.33 20.16 -10.21
C HIS A 452 -23.50 21.41 -9.95
N ALA A 453 -22.18 21.27 -9.89
CA ALA A 453 -21.30 22.41 -9.57
C ALA A 453 -21.55 23.52 -10.60
N MET A 454 -21.87 23.18 -11.84
CA MET A 454 -22.08 24.20 -12.90
C MET A 454 -23.49 24.80 -12.81
N GLY A 455 -24.30 24.39 -11.83
CA GLY A 455 -25.72 24.79 -11.66
C GLY A 455 -26.64 24.26 -12.75
N LYS A 456 -26.28 23.21 -13.49
CA LYS A 456 -27.18 22.65 -14.55
C LYS A 456 -28.17 21.63 -14.00
N ILE A 457 -27.96 21.05 -12.80
CA ILE A 457 -28.87 20.03 -12.19
C ILE A 457 -28.90 20.26 -10.71
N PRO A 458 -30.02 19.92 -10.04
CA PRO A 458 -30.09 20.01 -8.57
C PRO A 458 -29.25 18.91 -7.89
N GLU A 459 -28.94 19.09 -6.62
CA GLU A 459 -28.09 18.15 -5.84
C GLU A 459 -28.69 16.73 -5.85
N ASP A 460 -30.01 16.60 -5.78
CA ASP A 460 -30.68 15.28 -5.65
C ASP A 460 -30.58 14.52 -6.98
N GLU A 461 -29.97 15.07 -8.02
CA GLU A 461 -29.75 14.35 -9.29
C GLU A 461 -28.32 13.84 -9.42
N ILE A 462 -27.46 14.09 -8.43
CA ILE A 462 -26.04 13.63 -8.51
C ILE A 462 -26.05 12.10 -8.47
N TRP A 463 -26.72 11.51 -7.47
CA TRP A 463 -26.93 10.03 -7.34
C TRP A 463 -28.29 9.66 -7.93
N GLN A 464 -28.31 8.79 -8.94
CA GLN A 464 -29.54 8.34 -9.64
C GLN A 464 -29.58 6.82 -9.68
N SER A 465 -30.73 6.27 -9.28
CA SER A 465 -31.00 4.82 -9.36
C SER A 465 -31.16 4.43 -10.84
N GLU A 466 -30.98 3.15 -11.14
CA GLU A 466 -30.99 2.64 -12.52
C GLU A 466 -32.20 1.72 -12.68
N PRO A 467 -33.04 1.90 -13.72
CA PRO A 467 -34.11 0.95 -14.00
C PRO A 467 -33.51 -0.44 -14.25
N GLU A 468 -34.21 -1.48 -13.82
CA GLU A 468 -33.74 -2.88 -13.93
C GLU A 468 -33.75 -3.31 -15.39
N SER A 469 -32.70 -3.96 -15.88
CA SER A 469 -32.66 -4.52 -17.25
C SER A 469 -33.89 -5.41 -17.48
N VAL A 470 -34.55 -5.29 -18.63
CA VAL A 470 -35.67 -6.20 -19.05
C VAL A 470 -35.03 -7.40 -19.74
N ASP A 471 -33.77 -7.31 -20.12
CA ASP A 471 -33.05 -8.40 -20.83
C ASP A 471 -32.48 -9.38 -19.80
N VAL A 472 -32.08 -8.87 -18.63
CA VAL A 472 -31.30 -9.64 -17.61
C VAL A 472 -31.97 -9.40 -16.26
N PRO A 473 -33.20 -9.91 -16.08
CA PRO A 473 -33.95 -9.65 -14.86
C PRO A 473 -33.24 -10.36 -13.69
N ALA A 474 -33.28 -9.80 -12.49
CA ALA A 474 -32.59 -10.34 -11.31
C ALA A 474 -33.54 -11.23 -10.49
N GLN A 475 -33.22 -12.52 -10.33
CA GLN A 475 -33.91 -13.40 -9.37
C GLN A 475 -33.40 -12.98 -8.00
N PRO A 476 -34.28 -12.90 -6.98
CA PRO A 476 -33.88 -12.44 -5.66
C PRO A 476 -32.97 -13.52 -5.08
N ILE A 477 -32.20 -13.18 -4.06
CA ILE A 477 -31.38 -14.13 -3.27
C ILE A 477 -32.25 -14.62 -2.13
N THR A 478 -32.41 -15.92 -1.99
CA THR A 478 -33.30 -16.50 -0.94
C THR A 478 -32.48 -17.44 -0.08
N THR A 479 -32.89 -17.61 1.18
CA THR A 479 -32.39 -18.65 2.10
C THR A 479 -33.54 -19.60 2.47
N THR A 480 -33.21 -20.80 2.95
CA THR A 480 -34.16 -21.75 3.56
C THR A 480 -34.17 -21.50 5.06
N PHE A 481 -35.24 -21.95 5.71
CA PHE A 481 -35.38 -21.94 7.18
C PHE A 481 -34.12 -22.55 7.83
N LEU A 482 -33.66 -23.70 7.35
CA LEU A 482 -32.52 -24.43 7.97
C LEU A 482 -31.23 -23.59 7.80
N GLU A 483 -31.05 -22.99 6.63
CA GLU A 483 -29.88 -22.13 6.33
C GLU A 483 -29.83 -20.97 7.31
N ARG A 484 -31.00 -20.36 7.57
CA ARG A 484 -31.13 -19.21 8.51
C ARG A 484 -30.91 -19.64 9.96
N HIS A 485 -31.31 -20.84 10.39
CA HIS A 485 -31.38 -21.14 11.85
C HIS A 485 -30.47 -22.31 12.27
N LEU A 486 -29.88 -23.09 11.36
CA LEU A 486 -28.96 -24.15 11.83
C LEU A 486 -27.85 -23.49 12.64
N PRO A 487 -27.37 -24.10 13.75
CA PRO A 487 -26.31 -23.49 14.53
C PRO A 487 -24.97 -23.51 13.80
N SER A 488 -24.07 -22.62 14.22
CA SER A 488 -22.62 -22.68 13.92
C SER A 488 -22.06 -23.91 14.63
N VAL A 489 -20.80 -24.26 14.41
CA VAL A 489 -20.13 -25.32 15.23
C VAL A 489 -20.06 -24.86 16.68
N PRO A 490 -19.63 -23.62 17.02
CA PRO A 490 -19.62 -23.18 18.41
C PRO A 490 -21.04 -23.13 19.01
N GLY A 491 -22.02 -22.73 18.21
CA GLY A 491 -23.46 -22.80 18.56
C GLY A 491 -23.85 -24.21 18.97
N LEU A 492 -23.48 -25.21 18.16
CA LEU A 492 -23.80 -26.64 18.43
C LEU A 492 -23.15 -27.07 19.75
N LEU A 493 -21.88 -26.69 19.96
CA LEU A 493 -21.11 -27.07 21.18
C LEU A 493 -21.77 -26.43 22.41
N ARG A 494 -22.22 -25.18 22.31
CA ARG A 494 -23.01 -24.49 23.37
C ARG A 494 -24.27 -25.31 23.67
N LEU A 495 -25.04 -25.69 22.64
CA LEU A 495 -26.28 -26.52 22.80
C LEU A 495 -25.95 -27.81 23.58
N ILE A 496 -24.96 -28.59 23.12
CA ILE A 496 -24.44 -29.85 23.75
C ILE A 496 -24.17 -29.61 25.26
N GLY A 497 -23.22 -28.74 25.58
CA GLY A 497 -22.81 -28.44 26.96
C GLY A 497 -24.00 -28.15 27.85
N LEU A 498 -24.94 -27.35 27.35
CA LEU A 498 -26.22 -27.01 28.04
C LEU A 498 -26.93 -28.31 28.45
N THR A 499 -27.22 -29.20 27.50
CA THR A 499 -27.63 -30.60 27.79
C THR A 499 -26.47 -31.34 28.47
N SER B 2 20.07 18.60 -24.78
CA SER B 2 20.12 17.64 -23.61
C SER B 2 21.45 17.79 -22.86
N ASN B 3 21.39 17.74 -21.52
CA ASN B 3 22.53 17.96 -20.59
C ASN B 3 23.17 16.58 -20.30
N LYS B 4 24.45 16.37 -20.65
CA LYS B 4 25.06 15.02 -20.62
C LYS B 4 25.94 14.87 -19.39
N CYS B 5 25.95 13.70 -18.76
CA CYS B 5 26.78 13.46 -17.57
C CYS B 5 26.97 11.95 -17.46
N ASP B 6 27.77 11.49 -16.50
CA ASP B 6 28.03 10.04 -16.22
C ASP B 6 26.84 9.44 -15.47
N VAL B 7 26.35 10.10 -14.39
CA VAL B 7 25.24 9.58 -13.55
C VAL B 7 24.31 10.72 -13.18
N VAL B 8 23.02 10.52 -13.43
CA VAL B 8 21.90 11.31 -12.84
C VAL B 8 21.48 10.64 -11.53
N VAL B 9 21.50 11.39 -10.42
CA VAL B 9 20.94 10.95 -9.12
C VAL B 9 19.58 11.62 -8.97
N VAL B 10 18.54 10.80 -8.84
CA VAL B 10 17.16 11.29 -8.57
C VAL B 10 16.96 11.40 -7.05
N GLY B 11 16.84 12.64 -6.57
CA GLY B 11 16.68 12.91 -5.14
C GLY B 11 17.92 13.48 -4.52
N GLY B 12 17.79 14.60 -3.83
CA GLY B 12 18.86 15.25 -3.05
C GLY B 12 18.63 15.20 -1.54
N GLY B 13 18.21 14.05 -1.04
CA GLY B 13 18.25 13.76 0.40
C GLY B 13 19.64 13.26 0.73
N ILE B 14 19.82 12.76 1.95
CA ILE B 14 21.14 12.29 2.41
C ILE B 14 21.61 11.16 1.50
N SER B 15 20.72 10.29 1.06
CA SER B 15 21.14 9.08 0.30
C SER B 15 21.63 9.52 -1.08
N GLY B 16 20.87 10.36 -1.76
CA GLY B 16 21.24 10.85 -3.11
C GLY B 16 22.52 11.69 -3.06
N MET B 17 22.62 12.58 -2.07
CA MET B 17 23.82 13.41 -1.85
C MET B 17 25.03 12.54 -1.52
N ALA B 18 24.89 11.53 -0.65
CA ALA B 18 26.03 10.64 -0.31
C ALA B 18 26.52 9.90 -1.57
N ALA B 19 25.60 9.40 -2.39
CA ALA B 19 25.90 8.71 -3.68
C ALA B 19 26.64 9.70 -4.60
N ALA B 20 26.06 10.87 -4.81
CA ALA B 20 26.59 11.88 -5.75
C ALA B 20 28.00 12.28 -5.30
N LYS B 21 28.20 12.50 -4.01
CA LYS B 21 29.54 12.88 -3.49
C LYS B 21 30.53 11.74 -3.77
N LEU B 22 30.19 10.49 -3.50
CA LEU B 22 31.16 9.38 -3.73
C LEU B 22 31.54 9.36 -5.23
N LEU B 23 30.55 9.45 -6.11
CA LEU B 23 30.77 9.38 -7.58
C LEU B 23 31.62 10.59 -8.01
N HIS B 24 31.30 11.78 -7.53
CA HIS B 24 32.05 13.05 -7.80
C HIS B 24 33.50 12.87 -7.34
N ASP B 25 33.68 12.40 -6.11
CA ASP B 25 35.03 12.18 -5.52
C ASP B 25 35.82 11.19 -6.37
N SER B 26 35.17 10.26 -7.09
CA SER B 26 35.84 9.27 -7.97
CA SER B 26 35.84 9.27 -7.97
C SER B 26 36.11 9.87 -9.36
N GLY B 27 35.66 11.11 -9.61
CA GLY B 27 35.95 11.83 -10.88
C GLY B 27 34.85 11.68 -11.93
N LEU B 28 33.66 11.18 -11.58
CA LEU B 28 32.52 11.16 -12.54
C LEU B 28 31.77 12.49 -12.49
N ASN B 29 31.16 12.82 -13.60
CA ASN B 29 30.30 14.01 -13.74
C ASN B 29 28.90 13.59 -13.27
N VAL B 30 28.42 14.16 -12.17
CA VAL B 30 27.13 13.77 -11.55
C VAL B 30 26.22 14.97 -11.62
N VAL B 31 24.96 14.69 -11.84
CA VAL B 31 23.87 15.68 -11.67
C VAL B 31 22.88 15.11 -10.65
N VAL B 32 22.42 15.95 -9.75
CA VAL B 32 21.40 15.59 -8.75
C VAL B 32 20.15 16.33 -9.14
N LEU B 33 19.07 15.60 -9.42
CA LEU B 33 17.76 16.23 -9.75
C LEU B 33 16.87 16.15 -8.51
N GLU B 34 16.52 17.31 -7.93
CA GLU B 34 15.75 17.43 -6.65
C GLU B 34 14.42 18.10 -6.97
N ALA B 35 13.31 17.47 -6.58
CA ALA B 35 11.95 17.95 -6.91
C ALA B 35 11.71 19.30 -6.19
N ARG B 36 12.19 19.44 -4.95
CA ARG B 36 11.84 20.58 -4.08
C ARG B 36 12.77 21.75 -4.39
N ASP B 37 12.41 22.92 -3.85
CA ASP B 37 13.27 24.12 -3.81
C ASP B 37 14.31 23.98 -2.69
N ARG B 38 14.54 22.79 -2.12
CA ARG B 38 15.57 22.58 -1.07
C ARG B 38 16.09 21.16 -1.16
N VAL B 39 17.26 20.92 -0.58
CA VAL B 39 17.82 19.55 -0.38
C VAL B 39 17.52 19.08 1.06
N GLY B 40 17.73 17.80 1.36
CA GLY B 40 17.58 17.27 2.71
C GLY B 40 16.43 16.28 2.80
N GLY B 41 15.39 16.43 1.98
CA GLY B 41 14.25 15.49 1.98
C GLY B 41 13.58 15.35 3.36
N ARG B 42 13.70 14.19 4.00
CA ARG B 42 13.01 13.87 5.27
C ARG B 42 13.84 14.43 6.42
N THR B 43 14.99 15.05 6.10
CA THR B 43 15.66 15.99 7.03
C THR B 43 15.36 17.42 6.59
N TYR B 44 15.16 18.32 7.55
CA TYR B 44 14.78 19.72 7.30
C TYR B 44 15.12 20.52 8.56
N THR B 45 16.12 21.39 8.47
CA THR B 45 16.52 22.27 9.58
C THR B 45 16.02 23.69 9.29
N LEU B 46 15.08 24.18 10.11
CA LEU B 46 14.60 25.58 9.99
C LEU B 46 15.46 26.45 10.91
N ARG B 47 15.89 27.63 10.42
CA ARG B 47 16.57 28.65 11.24
C ARG B 47 15.68 29.89 11.35
N ASN B 48 15.55 30.38 12.59
CA ASN B 48 14.98 31.72 12.92
C ASN B 48 15.52 32.13 14.26
N GLN B 49 15.27 33.39 14.60
CA GLN B 49 15.84 33.98 15.82
C GLN B 49 15.27 33.27 17.06
N LYS B 50 14.04 32.77 17.00
CA LYS B 50 13.34 32.21 18.18
C LYS B 50 13.96 30.86 18.53
N VAL B 51 14.40 30.06 17.54
CA VAL B 51 14.87 28.66 17.77
C VAL B 51 16.38 28.56 17.58
N LYS B 52 16.98 29.56 16.93
CA LYS B 52 18.31 29.52 16.28
C LYS B 52 18.25 28.50 15.12
N TYR B 53 18.17 27.21 15.42
CA TYR B 53 17.95 26.14 14.42
C TYR B 53 17.07 25.06 15.06
N VAL B 54 16.27 24.35 14.26
CA VAL B 54 15.52 23.17 14.77
C VAL B 54 15.39 22.14 13.64
N ASP B 55 15.68 20.88 13.97
CA ASP B 55 15.38 19.72 13.10
C ASP B 55 13.87 19.48 13.16
N LEU B 56 13.16 19.72 12.05
CA LEU B 56 11.71 19.39 11.92
C LEU B 56 11.54 18.02 11.27
N GLY B 57 12.60 17.46 10.68
CA GLY B 57 12.62 16.06 10.21
C GLY B 57 13.60 15.25 11.04
N GLY B 58 14.30 14.32 10.39
CA GLY B 58 15.32 13.46 11.06
C GLY B 58 16.35 14.27 11.81
N SER B 59 16.74 13.81 13.00
CA SER B 59 17.63 14.59 13.90
C SER B 59 18.69 13.70 14.60
N TYR B 60 18.30 12.55 15.14
CA TYR B 60 19.09 11.78 16.11
C TYR B 60 20.07 10.87 15.37
N VAL B 61 21.27 10.81 15.92
CA VAL B 61 22.30 9.82 15.54
C VAL B 61 22.84 9.25 16.84
N GLY B 62 23.46 8.09 16.72
CA GLY B 62 23.94 7.36 17.90
C GLY B 62 25.01 6.34 17.54
N PRO B 63 25.56 5.70 18.60
CA PRO B 63 26.56 4.65 18.42
C PRO B 63 26.08 3.55 17.48
N THR B 64 27.05 3.04 16.70
CA THR B 64 26.94 2.00 15.64
C THR B 64 26.48 2.63 14.32
N GLN B 65 26.17 3.95 14.30
CA GLN B 65 25.76 4.63 13.05
C GLN B 65 27.00 5.31 12.46
N ASN B 66 27.97 4.52 12.03
CA ASN B 66 29.34 5.02 11.80
C ASN B 66 29.41 5.76 10.45
N ARG B 67 28.55 5.43 9.50
CA ARG B 67 28.59 6.04 8.16
C ARG B 67 28.11 7.50 8.25
N ILE B 68 26.94 7.77 8.85
CA ILE B 68 26.42 9.17 8.98
C ILE B 68 27.41 10.00 9.84
N LEU B 69 28.03 9.39 10.84
CA LEU B 69 28.97 10.10 11.74
C LEU B 69 30.25 10.46 10.95
N ARG B 70 30.77 9.55 10.13
CA ARG B 70 31.99 9.80 9.31
C ARG B 70 31.69 10.88 8.25
N LEU B 71 30.57 10.77 7.55
CA LEU B 71 30.21 11.74 6.48
C LEU B 71 30.03 13.12 7.08
N ALA B 72 29.22 13.25 8.15
CA ALA B 72 29.00 14.53 8.86
C ALA B 72 30.35 15.09 9.32
N LYS B 73 31.22 14.27 9.89
CA LYS B 73 32.52 14.77 10.41
C LYS B 73 33.35 15.34 9.26
N GLU B 74 33.36 14.68 8.09
CA GLU B 74 34.15 15.12 6.93
C GLU B 74 33.61 16.47 6.43
N LEU B 75 32.32 16.68 6.53
CA LEU B 75 31.63 17.94 6.15
C LEU B 75 31.77 19.04 7.24
N GLY B 76 32.41 18.75 8.38
CA GLY B 76 32.76 19.80 9.38
C GLY B 76 31.72 19.85 10.50
N LEU B 77 30.85 18.83 10.63
CA LEU B 77 29.77 18.81 11.64
C LEU B 77 30.25 18.17 12.94
N GLU B 78 29.64 18.59 14.04
CA GLU B 78 29.89 18.12 15.42
C GLU B 78 28.57 17.62 15.98
N THR B 79 28.60 16.69 16.91
CA THR B 79 27.38 16.28 17.63
C THR B 79 27.40 16.77 19.08
N TYR B 80 26.24 16.77 19.69
CA TYR B 80 26.05 16.96 21.15
C TYR B 80 25.02 15.92 21.59
N LYS B 81 25.03 15.66 22.90
CA LYS B 81 24.22 14.61 23.55
C LYS B 81 22.84 15.14 23.89
N VAL B 82 21.81 14.38 23.52
CA VAL B 82 20.41 14.58 23.96
C VAL B 82 20.43 14.49 25.47
N ASN B 83 19.77 15.43 26.15
CA ASN B 83 19.86 15.47 27.63
C ASN B 83 19.19 14.23 28.21
N GLU B 84 19.93 13.39 28.92
CA GLU B 84 19.37 12.23 29.66
C GLU B 84 20.05 12.16 31.03
N VAL B 85 20.41 13.29 31.62
CA VAL B 85 21.11 13.33 32.94
C VAL B 85 20.13 12.92 34.07
N GLU B 86 18.92 13.49 34.09
CA GLU B 86 17.92 13.28 35.16
C GLU B 86 16.93 12.17 34.74
N ARG B 87 15.78 12.06 35.38
CA ARG B 87 14.94 10.85 35.31
C ARG B 87 14.02 10.93 34.09
N LEU B 88 13.79 9.76 33.49
CA LEU B 88 12.80 9.55 32.41
C LEU B 88 11.45 9.46 33.12
N ILE B 89 10.36 9.70 32.42
CA ILE B 89 9.00 9.49 33.00
C ILE B 89 8.24 8.50 32.13
N HIS B 90 7.62 7.51 32.79
CA HIS B 90 6.53 6.68 32.21
C HIS B 90 5.21 7.13 32.85
N HIS B 91 4.32 7.71 32.05
CA HIS B 91 2.99 8.16 32.48
C HIS B 91 1.97 7.09 32.13
N VAL B 92 1.38 6.49 33.15
CA VAL B 92 0.50 5.28 33.03
C VAL B 92 -0.78 5.56 33.83
N LYS B 93 -1.95 5.38 33.22
CA LYS B 93 -3.24 5.53 33.93
C LYS B 93 -3.24 6.81 34.75
N GLY B 94 -2.83 7.94 34.15
CA GLY B 94 -2.99 9.27 34.76
C GLY B 94 -1.91 9.63 35.76
N LYS B 95 -0.79 8.94 35.80
CA LYS B 95 0.24 9.25 36.84
C LYS B 95 1.65 9.08 36.26
N SER B 96 2.57 9.96 36.66
CA SER B 96 3.98 9.93 36.19
C SER B 96 4.82 9.07 37.13
N TYR B 97 5.54 8.10 36.56
CA TYR B 97 6.47 7.21 37.28
C TYR B 97 7.89 7.49 36.82
N PRO B 98 8.69 8.27 37.58
CA PRO B 98 10.06 8.56 37.16
C PRO B 98 10.94 7.31 37.21
N PHE B 99 11.90 7.21 36.32
CA PHE B 99 12.81 6.04 36.30
C PHE B 99 14.12 6.42 35.63
N ARG B 100 15.07 5.48 35.69
CA ARG B 100 16.42 5.55 35.08
C ARG B 100 16.67 4.24 34.33
N GLY B 101 17.60 4.21 33.38
CA GLY B 101 17.81 3.00 32.58
C GLY B 101 16.83 3.07 31.42
N PRO B 102 17.07 2.30 30.33
CA PRO B 102 16.31 2.52 29.11
C PRO B 102 14.86 2.01 29.10
N PHE B 103 14.56 0.98 29.88
CA PHE B 103 13.26 0.25 29.86
C PHE B 103 12.40 0.71 31.01
N PRO B 104 11.15 1.18 30.75
CA PRO B 104 10.27 1.60 31.83
C PRO B 104 10.05 0.41 32.76
N PRO B 105 10.28 0.54 34.07
CA PRO B 105 10.17 -0.61 34.97
C PRO B 105 8.72 -0.94 35.36
N VAL B 106 8.50 -2.14 35.88
CA VAL B 106 7.18 -2.58 36.40
C VAL B 106 7.41 -3.37 37.69
N TRP B 107 6.41 -3.33 38.55
CA TRP B 107 6.49 -3.74 39.97
C TRP B 107 5.66 -5.02 40.18
N ASN B 108 4.53 -5.16 39.49
CA ASN B 108 3.70 -6.39 39.59
C ASN B 108 4.53 -7.55 39.05
N PRO B 109 4.67 -8.68 39.78
CA PRO B 109 5.58 -9.76 39.33
C PRO B 109 5.14 -10.46 38.04
N ILE B 110 3.82 -10.53 37.82
CA ILE B 110 3.24 -11.17 36.61
C ILE B 110 3.54 -10.23 35.44
N THR B 111 3.20 -8.94 35.59
CA THR B 111 3.43 -7.88 34.57
C THR B 111 4.93 -7.84 34.23
N TYR B 112 5.78 -7.90 35.26
CA TYR B 112 7.26 -7.98 35.13
C TYR B 112 7.65 -9.15 34.21
N LEU B 113 7.16 -10.36 34.45
CA LEU B 113 7.45 -11.54 33.58
C LEU B 113 7.02 -11.23 32.13
N ASP B 114 5.86 -10.60 31.97
CA ASP B 114 5.23 -10.35 30.66
C ASP B 114 6.08 -9.35 29.87
N HIS B 115 6.46 -8.23 30.52
CA HIS B 115 7.29 -7.16 29.92
C HIS B 115 8.64 -7.74 29.51
N ASN B 116 9.32 -8.42 30.43
CA ASN B 116 10.65 -9.02 30.23
C ASN B 116 10.58 -9.96 29.02
N ASN B 117 9.52 -10.76 28.97
CA ASN B 117 9.36 -11.77 27.91
C ASN B 117 9.14 -11.09 26.57
N PHE B 118 8.42 -9.98 26.53
CA PHE B 118 8.04 -9.30 25.26
C PHE B 118 9.29 -8.78 24.58
N TRP B 119 10.13 -8.01 25.30
CA TRP B 119 11.38 -7.42 24.74
C TRP B 119 12.31 -8.55 24.33
N ARG B 120 12.48 -9.55 25.20
CA ARG B 120 13.41 -10.68 24.93
C ARG B 120 12.96 -11.44 23.69
N THR B 121 11.67 -11.66 23.52
CA THR B 121 11.09 -12.41 22.37
C THR B 121 11.26 -11.63 21.06
N MET B 122 11.16 -10.30 21.07
CA MET B 122 11.44 -9.46 19.86
C MET B 122 12.88 -9.73 19.38
N ASP B 123 13.85 -9.76 20.29
CA ASP B 123 15.27 -10.02 19.99
C ASP B 123 15.49 -11.50 19.63
N ASP B 124 14.87 -12.44 20.33
CA ASP B 124 15.01 -13.89 20.00
C ASP B 124 14.56 -14.08 18.53
N MET B 125 13.41 -13.50 18.15
CA MET B 125 12.84 -13.69 16.80
C MET B 125 13.76 -13.00 15.79
N GLY B 126 14.35 -11.84 16.16
CA GLY B 126 15.23 -11.11 15.23
C GLY B 126 16.48 -11.91 14.92
N ARG B 127 16.93 -12.75 15.84
CA ARG B 127 18.18 -13.51 15.64
C ARG B 127 18.08 -14.46 14.45
N GLU B 128 16.88 -14.81 14.00
CA GLU B 128 16.68 -15.74 12.88
C GLU B 128 16.39 -14.96 11.58
N ILE B 129 16.49 -13.63 11.62
CA ILE B 129 16.12 -12.79 10.45
C ILE B 129 17.38 -12.15 9.86
N PRO B 130 17.83 -12.60 8.69
CA PRO B 130 19.02 -12.01 8.07
C PRO B 130 18.73 -10.55 7.69
N SER B 131 19.64 -9.67 8.08
CA SER B 131 19.60 -8.22 7.79
C SER B 131 19.48 -7.94 6.30
N ASP B 132 20.22 -8.67 5.48
CA ASP B 132 20.28 -8.37 4.04
C ASP B 132 19.20 -9.15 3.28
N ALA B 133 18.39 -9.96 3.96
CA ALA B 133 17.41 -10.85 3.32
C ALA B 133 16.36 -11.34 4.32
N PRO B 134 15.51 -10.45 4.88
CA PRO B 134 14.54 -10.89 5.89
C PRO B 134 13.60 -12.00 5.39
N TRP B 135 13.28 -12.03 4.08
CA TRP B 135 12.47 -13.08 3.40
C TRP B 135 13.12 -14.48 3.50
N LYS B 136 14.39 -14.62 3.90
CA LYS B 136 15.08 -15.92 4.10
C LYS B 136 15.01 -16.36 5.57
N ALA B 137 14.31 -15.62 6.42
CA ALA B 137 13.98 -16.06 7.80
C ALA B 137 13.28 -17.42 7.71
N PRO B 138 13.67 -18.38 8.56
CA PRO B 138 13.09 -19.72 8.52
C PRO B 138 11.56 -19.69 8.60
N LEU B 139 10.99 -18.81 9.41
CA LEU B 139 9.52 -18.61 9.52
C LEU B 139 9.06 -17.34 8.78
N ALA B 140 9.72 -16.99 7.67
CA ALA B 140 9.43 -15.73 6.95
C ALA B 140 7.94 -15.63 6.60
N GLU B 141 7.33 -16.67 6.03
CA GLU B 141 5.94 -16.58 5.55
C GLU B 141 5.00 -16.47 6.74
N GLU B 142 5.22 -17.28 7.77
CA GLU B 142 4.38 -17.28 9.00
C GLU B 142 4.40 -15.86 9.57
N TRP B 143 5.59 -15.29 9.74
CA TRP B 143 5.75 -13.98 10.43
C TRP B 143 5.23 -12.86 9.52
N ASP B 144 5.37 -13.03 8.20
CA ASP B 144 4.97 -11.95 7.25
C ASP B 144 3.44 -11.91 7.10
N ASN B 145 2.75 -13.00 7.39
CA ASN B 145 1.29 -13.15 7.13
C ASN B 145 0.49 -12.82 8.38
N MET B 146 1.14 -12.17 9.33
CA MET B 146 0.62 -11.78 10.64
C MET B 146 0.96 -10.30 10.79
N THR B 147 0.11 -9.52 11.40
CA THR B 147 0.44 -8.11 11.77
C THR B 147 1.12 -8.10 13.13
N MET B 148 1.76 -6.99 13.47
CA MET B 148 2.30 -6.79 14.82
C MET B 148 1.16 -6.84 15.85
N LYS B 149 -0.06 -6.44 15.50
CA LYS B 149 -1.20 -6.52 16.44
C LYS B 149 -1.44 -7.99 16.81
N GLU B 150 -1.52 -8.87 15.83
CA GLU B 150 -1.68 -10.33 16.07
C GLU B 150 -0.53 -10.86 16.94
N LEU B 151 0.71 -10.51 16.62
CA LEU B 151 1.86 -11.03 17.41
C LEU B 151 1.72 -10.54 18.86
N LEU B 152 1.40 -9.26 19.09
CA LEU B 152 1.26 -8.70 20.46
C LEU B 152 0.07 -9.36 21.17
N ASP B 153 -1.04 -9.58 20.46
CA ASP B 153 -2.20 -10.26 21.08
C ASP B 153 -1.77 -11.66 21.54
N LYS B 154 -0.96 -12.34 20.76
CA LYS B 154 -0.42 -13.68 21.12
C LYS B 154 0.55 -13.57 22.30
N LEU B 155 1.45 -12.59 22.31
CA LEU B 155 2.62 -12.59 23.23
C LEU B 155 2.27 -11.99 24.62
N CYS B 156 1.45 -10.96 24.63
CA CYS B 156 1.21 -10.09 25.81
C CYS B 156 0.00 -10.60 26.58
N TRP B 157 0.29 -11.19 27.74
CA TRP B 157 -0.74 -11.67 28.70
C TRP B 157 -1.27 -10.52 29.55
N THR B 158 -0.60 -9.37 29.59
CA THR B 158 -1.06 -8.20 30.38
C THR B 158 -1.34 -7.04 29.43
N GLU B 159 -2.35 -6.24 29.77
CA GLU B 159 -2.68 -4.97 29.06
C GLU B 159 -1.53 -3.99 29.19
N SER B 160 -0.87 -3.98 30.34
CA SER B 160 0.35 -3.16 30.61
C SER B 160 1.43 -3.42 29.53
N ALA B 161 1.82 -4.66 29.32
CA ALA B 161 2.83 -5.00 28.31
C ALA B 161 2.27 -4.67 26.92
N LYS B 162 1.00 -4.93 26.64
CA LYS B 162 0.44 -4.67 25.28
C LYS B 162 0.38 -3.16 24.98
N GLN B 163 0.04 -2.34 25.96
CA GLN B 163 0.05 -0.87 25.81
C GLN B 163 1.47 -0.36 25.51
N LEU B 164 2.50 -0.81 26.26
CA LEU B 164 3.88 -0.32 26.04
C LEU B 164 4.44 -0.89 24.72
N ALA B 165 4.16 -2.15 24.39
CA ALA B 165 4.60 -2.75 23.10
C ALA B 165 3.96 -1.99 21.94
N THR B 166 2.68 -1.61 22.07
CA THR B 166 1.93 -0.85 21.03
C THR B 166 2.61 0.51 20.84
N LEU B 167 2.90 1.20 21.94
CA LEU B 167 3.57 2.53 21.89
C LEU B 167 4.93 2.35 21.20
N PHE B 168 5.68 1.31 21.56
CA PHE B 168 6.97 0.94 20.94
C PHE B 168 6.81 0.91 19.40
N VAL B 169 5.81 0.19 18.90
CA VAL B 169 5.60 0.05 17.44
C VAL B 169 5.24 1.42 16.85
N ASN B 170 4.29 2.10 17.49
CA ASN B 170 3.79 3.41 17.00
C ASN B 170 4.96 4.42 16.89
N LEU B 171 5.84 4.43 17.90
CA LEU B 171 6.99 5.37 17.99
C LEU B 171 8.04 5.01 16.95
N CYS B 172 8.36 3.72 16.86
CA CYS B 172 9.50 3.25 16.06
CA CYS B 172 9.51 3.22 16.05
C CYS B 172 9.23 3.41 14.56
N VAL B 173 8.01 3.15 14.13
CA VAL B 173 7.71 3.04 12.66
C VAL B 173 6.46 3.85 12.27
N THR B 174 5.97 4.74 13.14
CA THR B 174 4.90 5.75 12.88
C THR B 174 3.69 5.10 12.22
N ALA B 175 3.33 3.92 12.71
CA ALA B 175 2.24 3.10 12.15
C ALA B 175 1.60 2.29 13.26
N GLU B 176 0.37 1.85 12.99
CA GLU B 176 -0.41 1.07 13.96
C GLU B 176 0.09 -0.38 13.89
N THR B 177 -0.01 -1.12 15.00
CA THR B 177 0.39 -2.53 15.06
C THR B 177 -0.35 -3.35 13.98
N HIS B 178 -1.58 -3.01 13.65
CA HIS B 178 -2.43 -3.76 12.67
C HIS B 178 -2.10 -3.39 11.22
N GLU B 179 -1.32 -2.34 10.97
CA GLU B 179 -0.97 -1.87 9.62
C GLU B 179 0.24 -2.65 9.11
N VAL B 180 1.09 -3.16 10.01
CA VAL B 180 2.46 -3.63 9.68
C VAL B 180 2.59 -5.14 9.82
N SER B 181 3.36 -5.72 8.92
CA SER B 181 3.93 -7.11 8.98
C SER B 181 4.78 -7.29 10.26
N ALA B 182 4.56 -8.39 10.97
CA ALA B 182 5.40 -8.80 12.11
C ALA B 182 6.83 -9.07 11.62
N LEU B 183 6.98 -9.79 10.51
CA LEU B 183 8.33 -10.06 9.90
C LEU B 183 9.05 -8.74 9.66
N TRP B 184 8.39 -7.79 9.00
CA TRP B 184 9.04 -6.51 8.61
C TRP B 184 9.47 -5.77 9.89
N PHE B 185 8.58 -5.65 10.87
CA PHE B 185 8.86 -4.94 12.13
C PHE B 185 10.02 -5.60 12.89
N LEU B 186 10.03 -6.92 12.96
CA LEU B 186 11.10 -7.65 13.68
C LEU B 186 12.44 -7.47 12.96
N TRP B 187 12.41 -7.45 11.64
CA TRP B 187 13.60 -7.18 10.82
C TRP B 187 14.11 -5.78 11.18
N TYR B 188 13.19 -4.81 11.18
CA TYR B 188 13.49 -3.37 11.34
C TYR B 188 14.23 -3.17 12.66
N VAL B 189 13.74 -3.78 13.72
CA VAL B 189 14.37 -3.68 15.07
C VAL B 189 15.75 -4.35 15.00
N LYS B 190 15.81 -5.56 14.47
CA LYS B 190 17.05 -6.39 14.44
C LYS B 190 18.15 -5.66 13.66
N GLN B 191 17.80 -5.00 12.55
CA GLN B 191 18.80 -4.36 11.67
C GLN B 191 19.25 -3.02 12.25
N CYS B 192 18.70 -2.58 13.39
CA CYS B 192 19.21 -1.44 14.18
C CYS B 192 20.00 -1.94 15.38
N GLY B 193 20.18 -3.26 15.52
CA GLY B 193 20.96 -3.88 16.60
C GLY B 193 20.09 -4.32 17.77
N GLY B 194 18.75 -4.34 17.61
CA GLY B 194 17.85 -4.93 18.61
C GLY B 194 17.12 -3.89 19.45
N THR B 195 16.32 -4.36 20.41
CA THR B 195 15.40 -3.51 21.18
C THR B 195 16.20 -2.47 21.95
N THR B 196 17.22 -2.88 22.70
CA THR B 196 17.92 -1.92 23.60
C THR B 196 18.51 -0.81 22.75
N ARG B 197 19.13 -1.17 21.62
CA ARG B 197 19.86 -0.19 20.78
C ARG B 197 18.85 0.79 20.18
N ILE B 198 17.72 0.31 19.68
CA ILE B 198 16.76 1.18 18.94
C ILE B 198 16.00 2.11 19.90
N ILE B 199 15.77 1.72 21.18
CA ILE B 199 14.88 2.52 22.10
C ILE B 199 15.73 3.43 22.96
N SER B 200 17.05 3.22 23.00
CA SER B 200 17.93 3.90 23.98
C SER B 200 18.30 5.30 23.47
N THR B 201 18.36 6.25 24.40
CA THR B 201 19.01 7.58 24.20
C THR B 201 20.50 7.35 24.49
N THR B 202 20.90 7.29 25.76
CA THR B 202 22.29 6.94 26.11
C THR B 202 22.61 5.58 25.49
N ASN B 203 23.66 5.51 24.65
CA ASN B 203 24.19 4.29 24.02
C ASN B 203 23.21 3.69 23.00
N GLY B 204 22.29 4.49 22.44
CA GLY B 204 21.38 4.02 21.38
C GLY B 204 21.16 5.04 20.27
N GLY B 205 20.13 4.81 19.46
CA GLY B 205 19.77 5.63 18.30
C GLY B 205 19.51 7.10 18.62
N GLN B 206 19.05 7.44 19.82
CA GLN B 206 18.66 8.83 20.15
C GLN B 206 19.76 9.52 20.97
N GLU B 207 21.01 9.04 20.95
CA GLU B 207 22.07 9.59 21.85
C GLU B 207 22.39 11.05 21.52
N ARG B 208 22.40 11.42 20.25
CA ARG B 208 23.03 12.68 19.84
C ARG B 208 22.21 13.39 18.78
N LYS B 209 22.44 14.69 18.62
CA LYS B 209 22.00 15.48 17.45
C LYS B 209 23.23 16.19 16.87
N PHE B 210 23.10 16.70 15.65
CA PHE B 210 24.12 17.57 15.02
C PHE B 210 23.94 19.01 15.53
N VAL B 211 25.05 19.60 15.95
CA VAL B 211 25.14 21.06 16.23
C VAL B 211 24.80 21.80 14.95
N GLY B 212 23.74 22.61 14.96
CA GLY B 212 23.28 23.38 13.79
C GLY B 212 22.26 22.65 12.91
N GLY B 213 21.96 21.36 13.17
CA GLY B 213 20.89 20.63 12.45
C GLY B 213 21.41 19.66 11.41
N SER B 214 20.68 18.56 11.20
CA SER B 214 21.06 17.48 10.28
C SER B 214 20.95 17.94 8.81
N GLY B 215 20.12 18.94 8.55
CA GLY B 215 19.98 19.55 7.23
C GLY B 215 21.33 19.88 6.61
N GLN B 216 22.31 20.21 7.45
CA GLN B 216 23.62 20.69 6.99
C GLN B 216 24.32 19.55 6.25
N VAL B 217 23.94 18.28 6.50
CA VAL B 217 24.59 17.13 5.79
C VAL B 217 24.30 17.30 4.29
N SER B 218 23.04 17.42 3.93
CA SER B 218 22.62 17.55 2.52
C SER B 218 23.05 18.94 2.01
N GLU B 219 22.90 20.01 2.79
CA GLU B 219 23.26 21.41 2.36
C GLU B 219 24.76 21.50 2.00
N ARG B 220 25.62 20.88 2.80
CA ARG B 220 27.08 21.02 2.63
C ARG B 220 27.57 20.13 1.47
N ILE B 221 26.89 19.02 1.18
CA ILE B 221 27.16 18.25 -0.06
C ILE B 221 26.67 19.06 -1.25
N MET B 222 25.53 19.73 -1.18
CA MET B 222 25.08 20.65 -2.27
C MET B 222 26.09 21.79 -2.44
N ASP B 223 26.70 22.27 -1.34
CA ASP B 223 27.73 23.33 -1.39
C ASP B 223 28.92 22.84 -2.24
N LEU B 224 29.41 21.62 -1.96
CA LEU B 224 30.53 20.97 -2.69
C LEU B 224 30.16 20.84 -4.17
N LEU B 225 28.98 20.32 -4.47
CA LEU B 225 28.63 19.93 -5.87
C LEU B 225 28.24 21.16 -6.73
N GLY B 226 27.98 22.33 -6.11
CA GLY B 226 27.57 23.56 -6.82
C GLY B 226 26.35 23.33 -7.69
N ASP B 227 26.39 23.83 -8.93
CA ASP B 227 25.23 23.79 -9.84
C ASP B 227 25.07 22.40 -10.49
N ARG B 228 25.79 21.38 -10.07
CA ARG B 228 25.46 19.98 -10.42
C ARG B 228 24.13 19.58 -9.75
N VAL B 229 23.72 20.32 -8.72
CA VAL B 229 22.44 20.12 -8.02
C VAL B 229 21.42 21.02 -8.67
N LYS B 230 20.35 20.44 -9.22
CA LYS B 230 19.23 21.16 -9.85
C LYS B 230 18.03 21.09 -8.91
N LEU B 231 17.66 22.21 -8.31
CA LEU B 231 16.50 22.32 -7.40
C LEU B 231 15.26 22.57 -8.24
N GLU B 232 14.07 22.15 -7.78
CA GLU B 232 12.79 22.31 -8.51
C GLU B 232 12.86 21.57 -9.85
N ARG B 233 13.48 20.41 -9.84
CA ARG B 233 13.52 19.50 -11.01
C ARG B 233 12.91 18.17 -10.59
N PRO B 234 11.57 18.08 -10.42
CA PRO B 234 10.94 16.78 -10.24
C PRO B 234 11.13 15.95 -11.51
N VAL B 235 11.66 14.74 -11.36
CA VAL B 235 11.79 13.76 -12.47
C VAL B 235 10.41 13.17 -12.74
N ILE B 236 10.03 13.13 -14.01
CA ILE B 236 8.69 12.68 -14.51
C ILE B 236 8.82 11.48 -15.44
N TYR B 237 9.97 11.30 -16.08
CA TYR B 237 10.10 10.32 -17.18
C TYR B 237 11.53 9.81 -17.23
N ILE B 238 11.67 8.49 -17.27
CA ILE B 238 12.97 7.83 -17.53
C ILE B 238 12.84 6.89 -18.72
N ASP B 239 13.73 7.06 -19.70
CA ASP B 239 13.76 6.25 -20.94
C ASP B 239 15.12 5.53 -21.05
N GLN B 240 15.09 4.21 -20.98
CA GLN B 240 16.30 3.35 -21.10
C GLN B 240 16.25 2.60 -22.44
N THR B 241 15.47 3.03 -23.43
CA THR B 241 15.38 2.29 -24.72
C THR B 241 16.65 2.52 -25.55
N ARG B 242 17.41 3.60 -25.28
CA ARG B 242 18.53 4.04 -26.13
C ARG B 242 19.87 3.78 -25.45
N GLU B 243 20.92 4.23 -26.13
CA GLU B 243 22.36 3.99 -25.82
C GLU B 243 22.69 4.61 -24.46
N ASN B 244 22.23 5.84 -24.24
CA ASN B 244 22.34 6.59 -22.95
C ASN B 244 20.96 6.63 -22.33
N VAL B 245 20.86 6.67 -21.00
CA VAL B 245 19.57 6.81 -20.28
C VAL B 245 19.09 8.25 -20.41
N LEU B 246 17.81 8.48 -20.70
CA LEU B 246 17.26 9.85 -20.79
C LEU B 246 16.38 10.07 -19.56
N VAL B 247 16.63 11.18 -18.86
CA VAL B 247 15.85 11.58 -17.64
C VAL B 247 15.24 12.94 -17.91
N GLU B 248 13.91 13.02 -17.90
CA GLU B 248 13.21 14.31 -18.11
C GLU B 248 12.66 14.81 -16.77
N THR B 249 12.66 16.13 -16.61
CA THR B 249 12.05 16.82 -15.45
C THR B 249 10.74 17.48 -15.87
N LEU B 250 9.96 17.88 -14.87
CA LEU B 250 8.62 18.50 -15.02
C LEU B 250 8.76 19.82 -15.79
N ASN B 251 9.84 20.56 -15.61
CA ASN B 251 10.16 21.81 -16.37
C ASN B 251 10.78 21.47 -17.75
N HIS B 252 10.63 20.26 -18.25
CA HIS B 252 10.99 19.85 -19.64
C HIS B 252 12.51 19.84 -19.87
N GLU B 253 13.34 19.88 -18.84
CA GLU B 253 14.79 19.65 -19.05
C GLU B 253 15.03 18.16 -19.33
N MET B 254 15.97 17.87 -20.20
CA MET B 254 16.39 16.49 -20.54
C MET B 254 17.84 16.30 -20.08
N TYR B 255 18.11 15.24 -19.32
CA TYR B 255 19.45 14.84 -18.84
C TYR B 255 19.77 13.47 -19.47
N GLU B 256 20.98 13.32 -19.94
CA GLU B 256 21.42 12.07 -20.58
C GLU B 256 22.59 11.53 -19.77
N ALA B 257 22.58 10.26 -19.40
CA ALA B 257 23.63 9.68 -18.55
C ALA B 257 23.90 8.22 -18.93
N LYS B 258 25.01 7.67 -18.43
CA LYS B 258 25.32 6.24 -18.55
C LYS B 258 24.50 5.46 -17.52
N TYR B 259 24.30 6.02 -16.33
CA TYR B 259 23.52 5.36 -15.25
C TYR B 259 22.68 6.37 -14.47
N VAL B 260 21.73 5.80 -13.72
CA VAL B 260 20.81 6.53 -12.81
C VAL B 260 20.81 5.86 -11.45
N ILE B 261 20.81 6.66 -10.39
CA ILE B 261 20.51 6.23 -9.02
C ILE B 261 19.18 6.84 -8.64
N SER B 262 18.24 5.99 -8.25
CA SER B 262 16.91 6.38 -7.69
C SER B 262 17.09 6.45 -6.17
N ALA B 263 17.10 7.66 -5.61
CA ALA B 263 17.39 7.90 -4.18
C ALA B 263 16.14 8.48 -3.53
N ILE B 264 14.98 8.01 -3.97
CA ILE B 264 13.66 8.48 -3.49
C ILE B 264 12.99 7.31 -2.78
N PRO B 265 12.07 7.58 -1.83
CA PRO B 265 11.30 6.53 -1.21
C PRO B 265 10.73 5.60 -2.29
N PRO B 266 10.76 4.28 -2.08
CA PRO B 266 10.28 3.37 -3.13
C PRO B 266 8.98 3.79 -3.80
N THR B 267 7.96 4.09 -3.01
CA THR B 267 6.61 4.32 -3.58
C THR B 267 6.64 5.56 -4.49
N LEU B 268 7.56 6.51 -4.27
CA LEU B 268 7.61 7.76 -5.06
C LEU B 268 8.20 7.48 -6.45
N GLY B 269 8.66 6.25 -6.70
CA GLY B 269 8.90 5.75 -8.06
C GLY B 269 7.65 5.84 -8.91
N MET B 270 6.46 5.83 -8.31
CA MET B 270 5.20 5.90 -9.08
C MET B 270 5.07 7.25 -9.79
N LYS B 271 5.73 8.31 -9.32
CA LYS B 271 5.65 9.68 -9.90
C LYS B 271 6.45 9.76 -11.22
N ILE B 272 7.16 8.72 -11.57
CA ILE B 272 7.99 8.64 -12.80
C ILE B 272 7.29 7.67 -13.77
N HIS B 273 7.17 8.06 -15.03
CA HIS B 273 6.71 7.23 -16.16
C HIS B 273 7.96 6.59 -16.80
N PHE B 274 7.95 5.27 -16.92
CA PHE B 274 9.12 4.50 -17.39
C PHE B 274 8.86 3.95 -18.80
N ASN B 275 9.87 4.09 -19.63
CA ASN B 275 10.00 3.45 -20.97
C ASN B 275 11.35 2.74 -20.98
N PRO B 276 11.41 1.40 -21.14
CA PRO B 276 10.22 0.55 -21.25
C PRO B 276 9.53 0.47 -19.88
N PRO B 277 8.34 -0.12 -19.78
CA PRO B 277 7.68 -0.29 -18.48
C PRO B 277 8.65 -0.99 -17.50
N LEU B 278 8.49 -0.73 -16.22
CA LEU B 278 9.24 -1.48 -15.19
C LEU B 278 8.89 -2.96 -15.27
N PRO B 279 9.82 -3.85 -14.86
CA PRO B 279 9.49 -5.26 -14.67
C PRO B 279 8.27 -5.34 -13.73
N MET B 280 7.44 -6.33 -13.96
CA MET B 280 6.19 -6.62 -13.22
C MET B 280 6.41 -6.43 -11.72
N MET B 281 7.40 -7.09 -11.12
CA MET B 281 7.46 -7.20 -9.65
C MET B 281 7.70 -5.79 -9.06
N ARG B 282 8.50 -4.96 -9.72
CA ARG B 282 8.76 -3.56 -9.28
C ARG B 282 7.51 -2.71 -9.52
N ASN B 283 6.90 -2.87 -10.69
CA ASN B 283 5.62 -2.18 -11.06
C ASN B 283 4.61 -2.33 -9.93
N GLN B 284 4.44 -3.55 -9.37
CA GLN B 284 3.46 -3.72 -8.27
C GLN B 284 4.12 -3.30 -6.93
N MET B 285 5.39 -3.61 -6.70
CA MET B 285 6.03 -3.36 -5.37
C MET B 285 5.81 -1.90 -4.97
N ILE B 286 5.98 -0.96 -5.92
CA ILE B 286 6.00 0.51 -5.62
C ILE B 286 4.57 1.04 -5.33
N THR B 287 3.53 0.19 -5.38
CA THR B 287 2.14 0.51 -4.96
C THR B 287 1.82 -0.11 -3.61
N ARG B 288 2.75 -0.87 -3.01
CA ARG B 288 2.46 -1.70 -1.83
C ARG B 288 3.20 -1.23 -0.58
N VAL B 289 3.90 -0.09 -0.63
CA VAL B 289 4.95 0.28 0.35
C VAL B 289 4.76 1.73 0.81
N PRO B 290 3.74 1.97 1.64
CA PRO B 290 3.48 3.32 2.14
C PRO B 290 4.52 3.76 3.17
N LEU B 291 4.58 5.07 3.41
CA LEU B 291 5.33 5.64 4.57
C LEU B 291 4.35 5.99 5.70
N GLY B 292 4.89 6.02 6.90
CA GLY B 292 4.13 6.27 8.12
C GLY B 292 3.73 7.73 8.29
N SER B 293 3.06 8.00 9.41
CA SER B 293 2.37 9.28 9.66
C SER B 293 2.94 9.87 10.94
N VAL B 294 3.40 11.13 10.87
CA VAL B 294 3.93 11.78 12.10
C VAL B 294 3.88 13.29 11.93
N ILE B 295 3.53 13.97 13.03
CA ILE B 295 3.73 15.43 13.17
C ILE B 295 4.83 15.58 14.21
N LYS B 296 5.94 16.21 13.84
CA LYS B 296 7.01 16.49 14.81
C LYS B 296 6.74 17.90 15.36
N CYS B 297 6.69 18.04 16.69
CA CYS B 297 6.24 19.24 17.43
C CYS B 297 7.31 19.67 18.43
N ILE B 298 7.72 20.94 18.42
CA ILE B 298 8.73 21.44 19.38
C ILE B 298 8.14 22.65 20.09
N VAL B 299 7.92 22.51 21.41
CA VAL B 299 7.42 23.60 22.29
C VAL B 299 8.63 24.19 23.01
N TYR B 300 8.78 25.49 22.90
CA TYR B 300 9.90 26.28 23.43
C TYR B 300 9.45 26.91 24.75
N TYR B 301 10.37 26.95 25.70
CA TYR B 301 10.14 27.55 27.03
C TYR B 301 11.33 28.42 27.40
N LYS B 302 11.12 29.24 28.40
CA LYS B 302 12.12 30.24 28.85
C LYS B 302 13.30 29.46 29.46
N GLU B 303 13.04 28.36 30.14
CA GLU B 303 14.11 27.55 30.81
C GLU B 303 13.77 26.07 30.69
N PRO B 304 14.75 25.14 30.76
CA PRO B 304 14.47 23.71 30.81
C PRO B 304 13.96 23.34 32.21
N PHE B 305 12.74 23.77 32.55
CA PHE B 305 12.29 23.81 33.96
C PHE B 305 12.15 22.41 34.52
N TRP B 306 11.84 21.40 33.68
CA TRP B 306 11.75 19.97 34.07
C TRP B 306 13.00 19.51 34.84
N ARG B 307 14.18 20.03 34.50
CA ARG B 307 15.47 19.64 35.13
C ARG B 307 15.44 19.95 36.63
N LYS B 308 14.77 21.02 37.05
CA LYS B 308 14.63 21.47 38.46
C LYS B 308 13.92 20.38 39.27
N LYS B 309 13.09 19.55 38.65
CA LYS B 309 12.37 18.43 39.33
C LYS B 309 13.08 17.11 39.10
N ASP B 310 14.33 17.13 38.63
CA ASP B 310 15.08 15.89 38.36
C ASP B 310 14.34 15.06 37.30
N TYR B 311 13.73 15.72 36.30
CA TYR B 311 13.28 15.10 35.02
C TYR B 311 14.19 15.55 33.86
N CYS B 312 14.55 14.62 32.97
CA CYS B 312 15.41 14.96 31.80
C CYS B 312 14.59 15.54 30.64
N GLY B 313 13.29 15.27 30.58
CA GLY B 313 12.41 15.78 29.50
C GLY B 313 11.90 14.65 28.63
N THR B 314 12.41 13.45 28.86
CA THR B 314 11.87 12.22 28.22
C THR B 314 10.55 11.84 28.89
N MET B 315 9.48 11.73 28.10
CA MET B 315 8.16 11.30 28.57
C MET B 315 7.73 10.16 27.65
N ILE B 316 7.32 9.06 28.28
CA ILE B 316 6.66 7.88 27.65
C ILE B 316 5.23 7.85 28.18
N ILE B 317 4.28 8.11 27.29
CA ILE B 317 2.88 8.43 27.66
C ILE B 317 1.92 7.45 27.00
N ASP B 318 1.44 6.49 27.79
CA ASP B 318 0.56 5.38 27.34
C ASP B 318 -0.81 5.96 26.95
N GLY B 319 -1.52 5.30 26.04
CA GLY B 319 -2.99 5.41 25.94
C GLY B 319 -3.46 6.30 24.79
N GLU B 320 -4.76 6.27 24.52
CA GLU B 320 -5.40 6.86 23.32
C GLU B 320 -5.49 8.39 23.44
N GLU B 321 -5.76 8.88 24.65
CA GLU B 321 -6.13 10.27 24.97
C GLU B 321 -4.93 11.22 24.69
N ALA B 322 -3.70 10.84 25.06
CA ALA B 322 -2.51 11.71 24.91
C ALA B 322 -2.26 11.97 23.42
N PRO B 323 -2.13 13.24 22.98
CA PRO B 323 -1.81 13.52 21.57
C PRO B 323 -0.39 13.03 21.21
N VAL B 324 0.50 13.11 22.18
CA VAL B 324 1.95 12.82 22.04
C VAL B 324 2.27 11.66 22.96
N ALA B 325 2.86 10.56 22.43
CA ALA B 325 3.22 9.37 23.23
C ALA B 325 4.68 9.40 23.67
N TYR B 326 5.51 10.28 23.09
CA TYR B 326 6.98 10.30 23.34
C TYR B 326 7.54 11.69 23.09
N THR B 327 8.39 12.12 24.03
CA THR B 327 9.10 13.40 24.05
C THR B 327 10.55 13.15 24.40
N LEU B 328 11.40 14.04 23.92
CA LEU B 328 12.80 14.22 24.37
C LEU B 328 13.04 15.73 24.60
N ASP B 329 13.95 16.02 25.51
CA ASP B 329 14.54 17.36 25.64
C ASP B 329 15.19 17.77 24.31
N ASP B 330 14.74 18.90 23.74
CA ASP B 330 15.34 19.49 22.52
C ASP B 330 16.19 20.72 22.87
N THR B 331 16.51 20.97 24.15
CA THR B 331 17.28 22.17 24.61
C THR B 331 18.64 22.15 23.92
N LYS B 332 19.20 23.31 23.52
CA LYS B 332 20.56 23.38 22.89
C LYS B 332 21.57 23.05 23.99
N PRO B 333 22.81 22.70 23.61
CA PRO B 333 23.79 22.21 24.58
C PRO B 333 24.16 23.29 25.61
N GLU B 334 23.94 24.55 25.26
CA GLU B 334 24.31 25.69 26.12
C GLU B 334 23.24 25.81 27.22
N GLY B 335 22.14 25.09 27.08
CA GLY B 335 21.05 25.15 28.08
C GLY B 335 20.06 26.20 27.67
N ASN B 336 20.21 26.75 26.47
CA ASN B 336 19.32 27.83 26.00
C ASN B 336 18.46 27.22 24.90
N TYR B 337 17.50 28.01 24.41
CA TYR B 337 16.37 27.61 23.56
C TYR B 337 15.75 26.35 24.16
N ALA B 338 15.40 26.39 25.46
CA ALA B 338 14.78 25.25 26.17
C ALA B 338 13.55 24.78 25.40
N ALA B 339 13.41 23.48 25.21
CA ALA B 339 12.35 22.94 24.34
C ALA B 339 12.10 21.46 24.63
N ILE B 340 10.86 21.05 24.38
CA ILE B 340 10.41 19.63 24.38
C ILE B 340 10.05 19.29 22.95
N MET B 341 10.69 18.26 22.41
CA MET B 341 10.30 17.63 21.12
C MET B 341 9.28 16.53 21.43
N GLY B 342 8.13 16.54 20.75
CA GLY B 342 7.13 15.47 20.84
C GLY B 342 6.72 14.96 19.47
N PHE B 343 6.35 13.69 19.38
CA PHE B 343 5.77 13.10 18.14
C PHE B 343 4.27 12.87 18.35
N ILE B 344 3.47 13.33 17.40
CA ILE B 344 2.06 12.90 17.25
C ILE B 344 2.05 11.76 16.23
N LEU B 345 1.73 10.54 16.63
CA LEU B 345 2.12 9.31 15.89
C LEU B 345 0.91 8.67 15.22
N ALA B 346 1.10 8.23 13.98
CA ALA B 346 0.21 7.28 13.27
C ALA B 346 -1.20 7.88 13.18
N HIS B 347 -2.26 7.17 13.62
CA HIS B 347 -3.66 7.65 13.50
C HIS B 347 -3.82 9.02 14.19
N LYS B 348 -3.05 9.33 15.24
CA LYS B 348 -3.18 10.64 15.94
C LYS B 348 -2.68 11.76 15.04
N ALA B 349 -1.72 11.48 14.17
CA ALA B 349 -1.24 12.46 13.18
C ALA B 349 -2.38 12.79 12.21
N ARG B 350 -3.23 11.81 11.89
CA ARG B 350 -4.32 11.97 10.92
C ARG B 350 -5.47 12.69 11.62
N LYS B 351 -5.80 12.27 12.83
CA LYS B 351 -6.90 12.85 13.61
C LYS B 351 -6.61 14.31 13.97
N LEU B 352 -5.41 14.61 14.52
CA LEU B 352 -5.14 15.95 15.11
C LEU B 352 -4.73 16.97 14.03
N ALA B 353 -4.54 16.52 12.79
CA ALA B 353 -4.23 17.39 11.62
C ALA B 353 -5.41 18.32 11.38
N ARG B 354 -6.62 17.94 11.75
CA ARG B 354 -7.85 18.76 11.54
C ARG B 354 -7.85 20.01 12.46
N LEU B 355 -7.05 20.05 13.52
CA LEU B 355 -6.98 21.20 14.45
C LEU B 355 -6.10 22.30 13.83
N THR B 356 -6.12 23.48 14.44
CA THR B 356 -5.15 24.55 14.10
C THR B 356 -3.86 24.27 14.85
N LYS B 357 -2.83 24.95 14.41
CA LYS B 357 -1.49 24.98 15.02
C LYS B 357 -1.63 25.38 16.49
N GLU B 358 -2.41 26.41 16.77
CA GLU B 358 -2.59 26.95 18.13
C GLU B 358 -3.30 25.88 18.99
N GLU B 359 -4.25 25.14 18.41
CA GLU B 359 -5.02 24.08 19.11
C GLU B 359 -4.10 22.91 19.45
N ARG B 360 -3.21 22.52 18.53
CA ARG B 360 -2.19 21.50 18.84
C ARG B 360 -1.28 22.01 19.96
N LEU B 361 -0.82 23.26 19.91
CA LEU B 361 0.07 23.85 20.97
C LEU B 361 -0.60 23.71 22.33
N LYS B 362 -1.86 24.12 22.43
CA LYS B 362 -2.62 24.07 23.70
C LYS B 362 -2.72 22.63 24.20
N LYS B 363 -3.08 21.66 23.35
CA LYS B 363 -3.20 20.24 23.78
C LYS B 363 -1.85 19.73 24.30
N LEU B 364 -0.75 20.06 23.62
CA LEU B 364 0.60 19.59 23.98
C LEU B 364 1.01 20.17 25.32
N CYS B 365 0.81 21.48 25.51
CA CYS B 365 1.18 22.21 26.74
C CYS B 365 0.38 21.66 27.94
N GLU B 366 -0.92 21.41 27.78
CA GLU B 366 -1.75 20.81 28.86
C GLU B 366 -1.30 19.37 29.18
N LEU B 367 -0.92 18.57 28.18
CA LEU B 367 -0.36 17.20 28.41
C LEU B 367 0.97 17.31 29.18
N TYR B 368 1.86 18.15 28.71
CA TYR B 368 3.20 18.29 29.32
C TYR B 368 3.04 18.80 30.75
N ALA B 369 2.05 19.68 30.99
CA ALA B 369 1.83 20.24 32.34
C ALA B 369 1.47 19.07 33.25
N LYS B 370 0.62 18.15 32.76
CA LYS B 370 0.15 17.01 33.57
C LYS B 370 1.31 16.06 33.82
N VAL B 371 2.04 15.69 32.76
CA VAL B 371 3.09 14.63 32.87
C VAL B 371 4.26 15.16 33.72
N LEU B 372 4.69 16.39 33.48
CA LEU B 372 5.83 17.02 34.17
C LEU B 372 5.39 17.59 35.51
N GLY B 373 4.08 17.66 35.76
CA GLY B 373 3.50 18.18 37.03
C GLY B 373 3.95 19.60 37.22
N SER B 374 3.90 20.39 36.16
CA SER B 374 4.40 21.79 36.21
C SER B 374 3.49 22.73 35.43
N LEU B 375 3.03 23.79 36.10
CA LEU B 375 2.31 24.89 35.42
C LEU B 375 3.22 25.60 34.41
N GLU B 376 4.55 25.51 34.52
CA GLU B 376 5.47 26.22 33.60
C GLU B 376 5.25 25.69 32.17
N ALA B 377 4.73 24.49 32.00
CA ALA B 377 4.49 23.86 30.68
C ALA B 377 3.38 24.62 29.95
N LEU B 378 2.58 25.40 30.69
CA LEU B 378 1.46 26.14 30.10
C LEU B 378 1.93 27.50 29.58
N GLU B 379 3.24 27.80 29.63
CA GLU B 379 3.75 29.17 29.29
C GLU B 379 4.79 29.04 28.20
N PRO B 380 4.43 28.48 27.03
CA PRO B 380 5.38 28.39 25.92
C PRO B 380 5.78 29.76 25.35
N VAL B 381 7.02 29.91 24.87
CA VAL B 381 7.50 31.19 24.28
C VAL B 381 7.49 31.04 22.74
N HIS B 382 7.35 29.84 22.21
CA HIS B 382 7.44 29.62 20.75
C HIS B 382 7.02 28.18 20.44
N TYR B 383 6.56 27.95 19.22
CA TYR B 383 6.15 26.62 18.77
C TYR B 383 6.59 26.42 17.34
N GLU B 384 7.15 25.28 17.01
CA GLU B 384 7.38 24.84 15.59
C GLU B 384 6.85 23.42 15.42
N GLU B 385 6.29 23.12 14.25
CA GLU B 385 5.77 21.78 13.95
C GLU B 385 5.84 21.51 12.46
N LYS B 386 5.90 20.25 12.11
CA LYS B 386 5.82 19.81 10.70
C LYS B 386 5.01 18.53 10.60
N ASN B 387 3.97 18.58 9.78
CA ASN B 387 3.14 17.40 9.46
C ASN B 387 3.70 16.76 8.21
N TRP B 388 4.36 15.61 8.33
CA TRP B 388 5.07 14.97 7.20
C TRP B 388 4.09 14.22 6.29
N CYS B 389 2.84 14.05 6.70
CA CYS B 389 1.78 13.42 5.89
C CYS B 389 1.44 14.30 4.67
N GLU B 390 1.78 15.58 4.72
CA GLU B 390 1.43 16.63 3.72
C GLU B 390 2.35 16.58 2.49
N GLU B 391 3.50 15.93 2.59
CA GLU B 391 4.66 16.13 1.66
C GLU B 391 4.51 15.26 0.41
N GLN B 392 4.20 15.90 -0.71
CA GLN B 392 4.15 15.22 -2.03
C GLN B 392 5.45 14.47 -2.31
N TYR B 393 6.62 14.99 -1.94
CA TYR B 393 7.90 14.34 -2.33
C TYR B 393 8.57 13.61 -1.16
N SER B 394 7.84 13.33 -0.06
CA SER B 394 8.26 12.31 0.94
C SER B 394 7.22 11.18 1.03
N GLY B 395 5.91 11.49 1.05
CA GLY B 395 4.82 10.49 1.27
C GLY B 395 4.58 10.21 2.77
N GLY B 396 5.47 10.67 3.63
CA GLY B 396 5.32 10.54 5.08
C GLY B 396 6.67 10.46 5.77
N CYS B 397 6.69 9.97 7.01
CA CYS B 397 7.90 9.83 7.85
C CYS B 397 7.63 8.81 8.94
N TYR B 398 8.67 8.17 9.49
CA TYR B 398 10.07 8.39 9.14
C TYR B 398 10.41 7.70 7.82
N THR B 399 9.76 6.55 7.59
CA THR B 399 10.21 5.61 6.54
C THR B 399 9.04 4.78 6.06
N THR B 400 9.36 3.91 5.12
CA THR B 400 8.42 3.00 4.43
C THR B 400 8.17 1.80 5.36
N TYR B 401 6.89 1.49 5.63
CA TYR B 401 6.49 0.25 6.33
C TYR B 401 5.95 -0.76 5.32
N PHE B 402 6.03 -2.03 5.69
CA PHE B 402 5.52 -3.15 4.86
C PHE B 402 4.29 -3.74 5.53
N PRO B 403 3.10 -3.61 4.89
CA PRO B 403 1.91 -4.33 5.34
C PRO B 403 2.08 -5.85 5.20
N PRO B 404 1.19 -6.60 5.88
CA PRO B 404 1.30 -8.05 5.88
C PRO B 404 1.38 -8.60 4.45
N GLY B 405 2.34 -9.51 4.23
CA GLY B 405 2.44 -10.30 2.99
C GLY B 405 3.37 -9.67 1.96
N ILE B 406 3.78 -8.41 2.15
CA ILE B 406 4.50 -7.67 1.06
C ILE B 406 6.00 -7.99 1.08
N LEU B 407 6.63 -8.06 2.25
CA LEU B 407 8.12 -8.20 2.32
C LEU B 407 8.57 -9.55 1.73
N THR B 408 7.88 -10.66 2.04
CA THR B 408 8.21 -12.00 1.48
C THR B 408 7.99 -12.03 -0.04
N GLN B 409 6.91 -11.40 -0.55
CA GLN B 409 6.56 -11.42 -2.00
C GLN B 409 7.37 -10.41 -2.83
N TYR B 410 7.72 -9.26 -2.28
CA TYR B 410 8.31 -8.15 -3.08
C TYR B 410 9.63 -7.63 -2.49
N GLY B 411 10.05 -8.05 -1.31
CA GLY B 411 11.26 -7.49 -0.65
C GLY B 411 12.54 -7.57 -1.49
N ARG B 412 12.72 -8.64 -2.26
CA ARG B 412 13.95 -8.85 -3.07
C ARG B 412 14.04 -7.78 -4.16
N VAL B 413 12.92 -7.18 -4.54
CA VAL B 413 12.85 -6.23 -5.67
C VAL B 413 13.51 -4.92 -5.24
N LEU B 414 13.54 -4.56 -3.94
CA LEU B 414 13.87 -3.15 -3.57
C LEU B 414 15.23 -2.71 -4.13
N ARG B 415 16.31 -3.49 -4.00
CA ARG B 415 17.58 -2.95 -4.54
C ARG B 415 18.02 -3.67 -5.81
N GLN B 416 17.15 -4.42 -6.46
CA GLN B 416 17.45 -5.06 -7.75
C GLN B 416 17.56 -3.98 -8.82
N PRO B 417 18.72 -3.86 -9.51
CA PRO B 417 18.88 -2.89 -10.58
C PRO B 417 17.85 -3.14 -11.70
N VAL B 418 17.39 -2.07 -12.36
CA VAL B 418 16.51 -2.14 -13.55
C VAL B 418 17.29 -1.56 -14.72
N ASP B 419 17.99 -2.46 -15.41
CA ASP B 419 18.90 -2.12 -16.55
C ASP B 419 20.01 -1.23 -15.97
N ARG B 420 19.97 0.09 -16.19
CA ARG B 420 21.04 1.03 -15.74
C ARG B 420 20.54 1.94 -14.60
N ILE B 421 19.39 1.64 -13.97
CA ILE B 421 18.89 2.27 -12.70
C ILE B 421 19.27 1.40 -11.51
N TYR B 422 20.04 1.97 -10.60
CA TYR B 422 20.43 1.40 -9.29
C TYR B 422 19.63 2.13 -8.21
N PHE B 423 19.39 1.46 -7.09
CA PHE B 423 18.43 1.95 -6.07
C PHE B 423 19.14 2.23 -4.76
N ALA B 424 19.09 3.50 -4.37
CA ALA B 424 19.62 4.02 -3.10
C ALA B 424 18.40 4.26 -2.19
N GLY B 425 18.50 5.17 -1.22
CA GLY B 425 17.39 5.50 -0.32
C GLY B 425 17.46 4.64 0.92
N THR B 426 17.15 5.20 2.09
CA THR B 426 17.38 4.48 3.39
C THR B 426 16.64 3.14 3.37
N GLU B 427 15.51 3.04 2.67
CA GLU B 427 14.70 1.81 2.60
C GLU B 427 15.52 0.60 2.10
N THR B 428 16.61 0.82 1.37
CA THR B 428 17.40 -0.26 0.75
C THR B 428 18.62 -0.60 1.61
N ALA B 429 18.81 0.06 2.75
CA ALA B 429 19.99 -0.22 3.62
C ALA B 429 19.79 -1.56 4.34
N THR B 430 20.86 -2.11 4.88
CA THR B 430 20.78 -3.37 5.67
C THR B 430 21.14 -3.13 7.13
N HIS B 431 21.55 -1.92 7.50
CA HIS B 431 21.84 -1.52 8.90
C HIS B 431 21.27 -0.10 9.11
N TRP B 432 20.38 0.07 10.09
CA TRP B 432 19.67 1.35 10.34
C TRP B 432 18.96 1.85 9.09
N SER B 433 18.44 0.93 8.26
CA SER B 433 17.39 1.28 7.28
C SER B 433 16.30 2.06 8.02
N GLY B 434 15.84 3.15 7.42
CA GLY B 434 14.79 4.03 7.94
C GLY B 434 15.39 5.30 8.54
N TYR B 435 16.71 5.30 8.76
CA TYR B 435 17.50 6.35 9.42
C TYR B 435 18.44 7.04 8.40
N MET B 436 18.98 8.18 8.83
CA MET B 436 20.06 8.89 8.12
C MET B 436 21.25 7.95 7.92
N GLU B 437 21.61 7.12 8.92
CA GLU B 437 22.68 6.10 8.73
C GLU B 437 22.36 5.22 7.49
N GLY B 438 21.16 4.65 7.44
CA GLY B 438 20.73 3.82 6.30
C GLY B 438 20.84 4.57 4.99
N ALA B 439 20.56 5.87 5.01
CA ALA B 439 20.57 6.68 3.78
C ALA B 439 22.00 6.66 3.20
N VAL B 440 22.98 6.82 4.09
CA VAL B 440 24.41 6.91 3.67
C VAL B 440 24.84 5.54 3.16
N GLU B 441 24.52 4.50 3.92
CA GLU B 441 24.83 3.11 3.53
C GLU B 441 24.33 2.88 2.11
N ALA B 442 23.08 3.17 1.84
CA ALA B 442 22.41 2.79 0.57
C ALA B 442 22.91 3.64 -0.57
N GLY B 443 23.16 4.94 -0.34
CA GLY B 443 23.72 5.86 -1.37
C GLY B 443 25.12 5.44 -1.81
N GLU B 444 25.99 5.17 -0.86
CA GLU B 444 27.38 4.77 -1.13
C GLU B 444 27.39 3.40 -1.81
N ARG B 445 26.53 2.46 -1.39
CA ARG B 445 26.50 1.09 -1.96
C ARG B 445 26.02 1.21 -3.40
N ALA B 446 24.98 2.01 -3.66
CA ALA B 446 24.43 2.14 -5.03
C ALA B 446 25.48 2.78 -5.95
N ALA B 447 26.18 3.80 -5.46
CA ALA B 447 27.26 4.46 -6.22
C ALA B 447 28.34 3.42 -6.56
N ARG B 448 28.73 2.58 -5.61
CA ARG B 448 29.78 1.56 -5.81
C ARG B 448 29.30 0.44 -6.75
N GLU B 449 28.00 0.14 -6.80
CA GLU B 449 27.44 -0.79 -7.82
C GLU B 449 27.71 -0.20 -9.20
N ILE B 450 27.48 1.09 -9.40
CA ILE B 450 27.79 1.76 -10.71
C ILE B 450 29.32 1.75 -10.94
N LEU B 451 30.17 2.03 -9.95
CA LEU B 451 31.65 2.01 -10.18
C LEU B 451 32.07 0.61 -10.63
N HIS B 452 31.46 -0.43 -10.06
CA HIS B 452 31.70 -1.84 -10.47
C HIS B 452 31.18 -2.07 -11.90
N ALA B 453 29.96 -1.65 -12.23
CA ALA B 453 29.42 -1.84 -13.60
C ALA B 453 30.36 -1.16 -14.61
N MET B 454 30.98 -0.05 -14.24
CA MET B 454 31.95 0.67 -15.11
C MET B 454 33.31 -0.04 -15.14
N GLY B 455 33.55 -1.11 -14.39
CA GLY B 455 34.87 -1.78 -14.36
C GLY B 455 35.87 -1.03 -13.52
N LYS B 456 35.45 -0.06 -12.69
CA LYS B 456 36.40 0.76 -11.88
C LYS B 456 36.76 0.07 -10.56
N ILE B 457 35.89 -0.76 -9.99
CA ILE B 457 36.20 -1.45 -8.72
C ILE B 457 35.73 -2.89 -8.87
N PRO B 458 36.32 -3.83 -8.10
CA PRO B 458 35.89 -5.22 -8.13
C PRO B 458 34.59 -5.43 -7.35
N GLU B 459 33.94 -6.56 -7.59
CA GLU B 459 32.64 -6.90 -6.95
C GLU B 459 32.73 -6.82 -5.42
N ASP B 460 33.85 -7.22 -4.83
CA ASP B 460 33.98 -7.30 -3.35
C ASP B 460 34.08 -5.91 -2.73
N GLU B 461 34.13 -4.82 -3.50
CA GLU B 461 34.15 -3.45 -2.92
C GLU B 461 32.78 -2.77 -3.00
N ILE B 462 31.74 -3.44 -3.52
CA ILE B 462 30.39 -2.83 -3.58
C ILE B 462 29.89 -2.59 -2.15
N TRP B 463 30.01 -3.61 -1.27
CA TRP B 463 29.63 -3.51 0.15
C TRP B 463 30.88 -3.36 0.99
N GLN B 464 30.89 -2.37 1.86
CA GLN B 464 32.11 -1.94 2.58
C GLN B 464 31.77 -1.66 4.05
N SER B 465 32.48 -2.31 4.96
CA SER B 465 32.35 -2.10 6.42
C SER B 465 32.77 -0.65 6.70
N GLU B 466 32.50 -0.17 7.89
CA GLU B 466 32.77 1.23 8.28
C GLU B 466 33.53 1.16 9.58
N PRO B 467 34.74 1.73 9.70
CA PRO B 467 35.41 1.82 11.01
C PRO B 467 34.50 2.53 12.02
N GLU B 468 34.61 2.13 13.29
CA GLU B 468 33.82 2.71 14.37
C GLU B 468 34.25 4.14 14.59
N SER B 469 33.28 5.04 14.78
CA SER B 469 33.52 6.43 15.20
C SER B 469 34.40 6.46 16.47
N VAL B 470 35.45 7.27 16.45
CA VAL B 470 36.25 7.57 17.68
C VAL B 470 35.44 8.49 18.59
N ASP B 471 34.53 9.30 18.05
CA ASP B 471 33.79 10.33 18.81
C ASP B 471 32.57 9.74 19.49
N VAL B 472 31.98 8.70 18.90
CA VAL B 472 30.71 8.09 19.36
C VAL B 472 30.88 6.58 19.39
N PRO B 473 31.77 6.04 20.26
CA PRO B 473 31.95 4.60 20.33
C PRO B 473 30.73 3.90 20.93
N ALA B 474 30.49 2.68 20.50
CA ALA B 474 29.36 1.88 20.98
C ALA B 474 29.81 1.04 22.18
N GLN B 475 29.02 1.04 23.25
CA GLN B 475 29.23 0.17 24.42
C GLN B 475 28.39 -1.07 24.18
N PRO B 476 28.84 -2.23 24.66
CA PRO B 476 28.12 -3.49 24.43
C PRO B 476 26.66 -3.40 24.91
N ILE B 477 25.76 -4.11 24.25
CA ILE B 477 24.40 -4.36 24.81
C ILE B 477 24.53 -5.57 25.73
N THR B 478 24.13 -5.46 26.99
CA THR B 478 24.18 -6.60 27.95
C THR B 478 22.76 -6.94 28.40
N THR B 479 22.58 -8.16 28.89
CA THR B 479 21.36 -8.61 29.61
C THR B 479 21.79 -9.25 30.93
N THR B 480 20.88 -9.34 31.89
CA THR B 480 21.10 -10.04 33.19
C THR B 480 20.75 -11.52 33.06
N PHE B 481 21.33 -12.32 33.94
CA PHE B 481 20.95 -13.75 34.11
C PHE B 481 19.42 -13.86 34.22
N LEU B 482 18.78 -13.05 35.06
CA LEU B 482 17.31 -13.12 35.30
C LEU B 482 16.55 -12.75 34.01
N GLU B 483 16.99 -11.73 33.28
CA GLU B 483 16.34 -11.29 32.01
C GLU B 483 16.38 -12.47 31.03
N ARG B 484 17.47 -13.23 31.04
CA ARG B 484 17.69 -14.31 30.06
C ARG B 484 16.82 -15.50 30.46
N HIS B 485 16.58 -15.74 31.76
CA HIS B 485 16.02 -17.04 32.25
C HIS B 485 14.67 -16.91 32.94
N LEU B 486 14.21 -15.73 33.34
CA LEU B 486 12.85 -15.66 33.92
C LEU B 486 11.84 -16.20 32.92
N PRO B 487 10.87 -17.00 33.36
CA PRO B 487 9.86 -17.52 32.44
C PRO B 487 8.91 -16.43 31.94
N SER B 488 8.21 -16.72 30.84
CA SER B 488 7.04 -15.96 30.35
C SER B 488 5.84 -16.24 31.26
N VAL B 489 4.73 -15.53 31.11
CA VAL B 489 3.49 -15.81 31.90
C VAL B 489 3.05 -17.25 31.57
N PRO B 490 2.88 -17.67 30.30
CA PRO B 490 2.46 -19.05 30.01
C PRO B 490 3.53 -20.08 30.45
N GLY B 491 4.80 -19.68 30.43
CA GLY B 491 5.90 -20.41 31.09
C GLY B 491 5.58 -20.69 32.54
N LEU B 492 5.25 -19.64 33.31
CA LEU B 492 4.97 -19.75 34.77
C LEU B 492 3.71 -20.60 34.96
N LEU B 493 2.72 -20.51 34.07
CA LEU B 493 1.45 -21.26 34.19
C LEU B 493 1.73 -22.74 33.94
N ARG B 494 2.54 -23.09 32.93
CA ARG B 494 2.90 -24.49 32.59
C ARG B 494 3.58 -25.13 33.82
N LEU B 495 4.42 -24.39 34.55
CA LEU B 495 5.01 -24.85 35.84
C LEU B 495 3.93 -25.08 36.92
N ILE B 496 2.71 -24.56 36.74
CA ILE B 496 1.61 -24.62 37.75
C ILE B 496 0.38 -25.35 37.17
PA FAD C . -9.54 1.37 -15.93
O1A FAD C . -10.25 0.36 -16.78
O2A FAD C . -8.28 1.03 -15.23
O5B FAD C . -9.39 2.71 -16.81
C5B FAD C . -8.44 3.72 -16.46
C4B FAD C . -7.79 4.25 -17.71
O4B FAD C . -6.89 5.30 -17.30
C3B FAD C . -6.93 3.23 -18.49
O3B FAD C . -7.37 3.15 -19.85
C2B FAD C . -5.49 3.73 -18.30
O2B FAD C . -4.69 3.48 -19.43
C1B FAD C . -5.69 5.23 -18.04
N9A FAD C . -4.64 5.96 -17.29
C8A FAD C . -3.91 5.57 -16.17
N7A FAD C . -3.07 6.49 -15.76
C5A FAD C . -3.26 7.55 -16.63
C6A FAD C . -2.64 8.83 -16.73
N6A FAD C . -1.70 9.26 -15.90
N1A FAD C . -3.08 9.65 -17.71
C2A FAD C . -4.06 9.21 -18.53
N3A FAD C . -4.67 8.02 -18.57
C4A FAD C . -4.23 7.25 -17.57
N1 FAD C . -15.05 -6.56 -14.07
C2 FAD C . -16.24 -7.08 -14.46
O2 FAD C . -17.26 -6.41 -14.40
N3 FAD C . -16.37 -8.41 -14.87
C4 FAD C . -15.31 -9.26 -14.89
O4 FAD C . -15.44 -10.38 -15.37
C4X FAD C . -14.05 -8.70 -14.62
N5 FAD C . -13.01 -9.47 -14.72
C5X FAD C . -11.78 -8.88 -14.72
C6 FAD C . -10.68 -9.67 -15.06
C7 FAD C . -9.43 -9.11 -15.22
C7M FAD C . -8.29 -10.02 -15.63
C8 FAD C . -9.27 -7.73 -14.97
C8M FAD C . -7.94 -7.06 -15.13
C9 FAD C . -10.32 -7.00 -14.42
C9A FAD C . -11.62 -7.52 -14.39
N10 FAD C . -12.76 -6.80 -14.02
C10 FAD C . -14.00 -7.32 -14.23
C1' FAD C . -12.68 -5.37 -13.64
C2' FAD C . -12.92 -4.41 -14.73
O2' FAD C . -12.03 -4.62 -15.85
C3' FAD C . -12.70 -3.04 -14.12
O3' FAD C . -13.44 -2.88 -12.92
C4' FAD C . -13.03 -1.84 -15.03
O4' FAD C . -12.59 -2.10 -16.37
C5' FAD C . -12.34 -0.61 -14.48
O5' FAD C . -12.80 0.53 -15.22
P FAD C . -12.23 1.98 -14.86
O1P FAD C . -12.59 2.85 -16.03
O2P FAD C . -12.62 2.38 -13.46
O3P FAD C . -10.63 1.79 -14.85
CAJ SK5 D . -15.69 -14.07 -8.57
CAK SK5 D . -15.28 -14.77 -9.71
CAL SK5 D . -14.87 -14.12 -10.87
CAM SK5 D . -14.88 -12.74 -10.88
CAQ SK5 D . -14.48 -11.94 -12.10
FAS SK5 D . -13.34 -11.76 -12.11
FAT SK5 D . -15.07 -10.63 -12.03
FAR SK5 D . -14.76 -12.63 -13.18
CAN SK5 D . -15.25 -12.05 -9.76
CAO SK5 D . -15.64 -12.68 -8.63
CAI SK5 D . -16.05 -14.65 -7.34
OAP SK5 D . -16.12 -13.98 -6.29
CAH SK5 D . -16.27 -16.16 -7.29
CAG SK5 D . -16.45 -16.87 -5.98
CAB SK5 D . -16.68 -18.25 -5.91
CAA SK5 D . -17.12 -19.00 -6.99
CAF SK5 D . -17.32 -20.38 -6.84
CAE SK5 D . -17.15 -21.03 -5.63
CAD SK5 D . -16.74 -20.29 -4.55
CAC SK5 D . -16.50 -18.91 -4.69
C1 C15 E . -12.17 -18.47 17.92
C2 C15 E . -12.29 -19.84 17.25
C3 C15 E . -10.95 -20.39 16.78
N1 C15 E . -10.95 -21.81 16.24
C1N C15 E . -11.93 -21.90 15.14
C2N C15 E . -9.60 -22.08 15.70
C12 C15 E . -11.12 -24.57 22.06
C13 C15 E . -10.40 -23.83 20.95
C14 C15 E . -11.10 -23.87 19.59
C15 C15 E . -10.46 -22.97 18.52
C16 C15 E . -11.35 -22.82 17.30
S1 C15 E . -13.42 -18.21 19.15
O1S C15 E . -13.36 -16.81 19.47
O2S C15 E . -13.20 -19.16 20.19
O3S C15 E . -14.78 -18.56 18.44
C1 GOL F . -2.48 -31.50 -8.25
O1 GOL F . -2.15 -32.80 -8.73
C2 GOL F . -3.95 -31.19 -8.38
O2 GOL F . -4.78 -32.17 -7.74
C3 GOL F . -4.28 -29.82 -7.83
O3 GOL F . -4.45 -29.91 -6.43
PA FAD G . 14.67 11.44 1.44
O1A FAD G . 15.20 12.27 2.56
O2A FAD G . 13.17 11.24 1.35
O5B FAD G . 15.27 12.03 0.06
C5B FAD G . 14.55 11.84 -1.18
C4B FAD G . 14.62 13.12 -1.96
O4B FAD G . 14.07 12.87 -3.28
C3B FAD G . 13.87 14.33 -1.41
O3B FAD G . 14.65 15.52 -1.31
C2B FAD G . 12.69 14.47 -2.38
O2B FAD G . 12.25 15.81 -2.48
C1B FAD G . 13.30 13.96 -3.67
N9A FAD G . 12.36 13.49 -4.72
C8A FAD G . 11.23 12.76 -4.55
N7A FAD G . 10.62 12.47 -5.68
C5A FAD G . 11.42 13.05 -6.66
C6A FAD G . 11.30 13.11 -8.06
N6A FAD G . 10.28 12.61 -8.77
N1A FAD G . 12.30 13.73 -8.73
C2A FAD G . 13.31 14.29 -8.03
N3A FAD G . 13.49 14.32 -6.71
C4A FAD G . 12.50 13.68 -6.07
N1 FAD G . 16.23 9.38 10.91
C2 FAD G . 17.27 9.40 11.81
O2 FAD G . 18.39 8.88 11.51
N3 FAD G . 17.11 9.98 13.04
C4 FAD G . 15.87 10.48 13.48
O4 FAD G . 15.81 11.11 14.54
C4X FAD G . 14.86 10.56 12.55
N5 FAD G . 13.72 11.13 12.91
C5X FAD G . 12.84 11.45 11.90
C6 FAD G . 11.72 12.25 12.20
C7 FAD G . 10.87 12.70 11.23
C7M FAD G . 9.75 13.65 11.60
C8 FAD G . 11.14 12.35 9.87
C8M FAD G . 10.24 12.81 8.75
C9 FAD G . 12.10 11.37 9.61
C9A FAD G . 13.05 11.01 10.60
N10 FAD G . 14.14 10.16 10.35
C10 FAD G . 15.11 10.01 11.26
C1' FAD G . 14.32 9.56 9.01
C2' FAD G . 15.36 10.19 8.13
O2' FAD G . 15.02 11.57 8.04
C3' FAD G . 15.33 9.46 6.80
O3' FAD G . 15.59 8.04 6.95
C4' FAD G . 16.34 9.96 5.77
O4' FAD G . 16.34 11.40 5.78
C5' FAD G . 16.01 9.39 4.41
O5' FAD G . 16.91 9.95 3.40
P FAD G . 16.81 9.49 1.90
O1P FAD G . 17.83 10.27 1.14
O2P FAD G . 16.82 7.98 1.87
O3P FAD G . 15.35 9.99 1.43
CAJ SK5 H . 12.49 5.37 18.75
CAK SK5 H . 12.47 6.70 19.15
CAL SK5 H . 12.78 7.75 18.28
CAM SK5 H . 13.07 7.46 16.95
CAQ SK5 H . 13.47 8.57 15.98
FAS SK5 H . 12.81 8.58 14.86
FAT SK5 H . 14.99 8.43 15.57
FAR SK5 H . 13.29 9.75 16.78
CAN SK5 H . 13.06 6.17 16.53
CAO SK5 H . 12.77 5.13 17.39
CAI SK5 H . 12.13 4.28 19.58
OAP SK5 H . 11.92 3.15 19.09
CAH SK5 H . 11.89 4.50 21.08
CAG SK5 H . 11.28 3.34 21.82
CAB SK5 H . 10.97 3.36 23.17
CAA SK5 H . 11.58 4.20 24.09
CAF SK5 H . 11.21 4.07 25.45
CAE SK5 H . 10.26 3.18 25.91
CAD SK5 H . 9.67 2.35 25.01
CAC SK5 H . 10.03 2.46 23.65
C1 C15 I . -1.39 -16.91 23.30
C2 C15 I . -2.29 -16.54 24.48
C3 C15 I . -3.30 -15.48 24.11
N1 C15 I . -3.68 -14.53 25.22
C1N C15 I . -2.49 -13.74 25.64
C2N C15 I . -4.70 -13.59 24.71
C16 C15 I . -4.22 -15.32 26.41
S1 C15 I . -1.62 -18.55 22.69
O1S C15 I . -2.23 -18.39 21.40
O2S C15 I . -0.34 -19.21 22.83
O3S C15 I . -2.61 -19.29 23.62
C1 GOL J . -2.55 11.60 29.52
O1 GOL J . -3.33 11.36 28.35
C2 GOL J . -3.48 11.89 30.67
O2 GOL J . -3.96 10.64 31.13
C3 GOL J . -2.81 12.66 31.78
O3 GOL J . -2.99 12.00 33.02
#